data_6EHB
#
_entry.id   6EHB
#
_cell.length_a   62.723
_cell.length_b   153.840
_cell.length_c   66.170
_cell.angle_alpha   90.00
_cell.angle_beta   102.32
_cell.angle_gamma   90.00
#
_symmetry.space_group_name_H-M   'P 1 21 1'
#
loop_
_entity.id
_entity.type
_entity.pdbx_description
1 polymer 'Outer membrane protein U'
2 non-polymer (HYDROXYETHYLOXY)TRI(ETHYLOXY)OCTANE
3 water water
#
_entity_poly.entity_id   1
_entity_poly.type   'polypeptide(L)'
_entity_poly.pdbx_seq_one_letter_code
;DGINQSGDKAGSTVYSAKGTSLEVGGRAEARLSLKDGKAQDNSRVRLNFLGKAEINDSLYGVGFYEGEFTTNDQGKNASN
NSLDNRYTYAGIGGTYGEVTYGKNDGALGVITDFTDIMSYHGNTAAEKIAVADRVDNMLAYKGQFGDLGVKASYRFADRN
AVDAMGNVVTETNAAKYSDNGEDGYSLSAIYTFGDTGFNVGAGYADQDDQNEYMLAASYRMENLYFAGLFTDGELAKDVD
YTGYELAAGYKLGQAAFTATYNNAETAKKTSADNFAIDATYYFKPNFRSYISYQFNLLDSDKASKVASEDELAIGLRYDF
;
_entity_poly.pdbx_strand_id   A,B,C
#
loop_
_chem_comp.id
_chem_comp.type
_chem_comp.name
_chem_comp.formula
C8E non-polymer (HYDROXYETHYLOXY)TRI(ETHYLOXY)OCTANE 'C16 H34 O5'
#
# COMPACT_ATOMS: atom_id res chain seq x y z
N ASP A 1 6.91 16.15 15.25
CA ASP A 1 6.20 16.20 16.56
C ASP A 1 6.66 17.50 17.30
N GLY A 2 5.85 17.85 18.29
CA GLY A 2 6.17 18.98 19.12
C GLY A 2 6.27 20.28 18.28
N ILE A 3 7.37 20.96 18.45
CA ILE A 3 7.57 22.23 17.76
C ILE A 3 7.71 22.01 16.27
N ASN A 4 8.13 20.82 15.84
CA ASN A 4 8.19 20.52 14.42
C ASN A 4 6.88 19.99 14.00
N GLN A 5 5.98 20.93 13.83
CA GLN A 5 4.57 20.62 13.73
C GLN A 5 4.28 19.67 12.56
N SER A 6 4.99 19.86 11.45
CA SER A 6 4.68 19.03 10.23
C SER A 6 5.19 17.61 10.37
N GLY A 7 6.05 17.32 11.34
CA GLY A 7 6.62 16.00 11.53
C GLY A 7 5.60 15.02 12.08
N ASP A 8 5.94 13.73 11.80
CA ASP A 8 5.13 12.62 12.31
C ASP A 8 5.04 12.65 13.84
N LYS A 9 3.93 12.18 14.39
CA LYS A 9 3.78 11.84 15.83
C LYS A 9 3.85 10.35 16.08
N ALA A 10 4.29 9.91 17.26
CA ALA A 10 4.20 8.50 17.59
C ALA A 10 2.84 7.91 17.43
N GLY A 11 2.87 6.68 16.90
CA GLY A 11 1.70 5.90 16.67
C GLY A 11 1.05 5.30 17.88
N SER A 12 -0.01 4.58 17.61
CA SER A 12 -0.88 3.91 18.59
C SER A 12 -0.36 2.46 18.74
N THR A 13 -0.31 2.02 20.01
CA THR A 13 0.17 0.66 20.30
C THR A 13 -0.95 -0.35 20.08
N VAL A 14 -0.84 -1.24 19.10
CA VAL A 14 -1.86 -2.18 18.75
C VAL A 14 -1.56 -3.59 19.27
N TYR A 15 -0.34 -3.84 19.61
CA TYR A 15 0.07 -5.09 20.21
C TYR A 15 1.21 -4.71 21.16
N SER A 16 1.17 -5.32 22.38
CA SER A 16 2.24 -5.15 23.29
C SER A 16 2.24 -6.39 24.17
N ALA A 17 3.38 -7.00 24.27
CA ALA A 17 3.47 -8.17 25.16
C ALA A 17 4.92 -8.61 25.24
N LYS A 18 5.54 -8.43 26.44
CA LYS A 18 6.88 -8.99 26.82
C LYS A 18 8.05 -8.20 26.27
N GLY A 19 8.12 -6.92 26.58
CA GLY A 19 9.06 -6.00 25.91
C GLY A 19 9.00 -5.95 24.35
N THR A 20 7.96 -6.56 23.77
CA THR A 20 7.71 -6.45 22.28
C THR A 20 6.43 -5.69 21.95
N SER A 21 6.53 -4.71 21.02
CA SER A 21 5.39 -3.84 20.72
C SER A 21 5.29 -3.54 19.20
N LEU A 22 4.03 -3.26 18.78
CA LEU A 22 3.71 -2.85 17.39
C LEU A 22 2.87 -1.61 17.49
N GLU A 23 3.34 -0.52 16.87
CA GLU A 23 2.65 0.77 16.87
C GLU A 23 2.28 1.06 15.40
N VAL A 24 1.05 1.47 15.23
CA VAL A 24 0.53 1.82 13.89
C VAL A 24 0.27 3.33 14.05
N GLY A 25 0.90 4.11 13.16
CA GLY A 25 0.77 5.52 13.23
C GLY A 25 0.60 6.04 11.80
N GLY A 26 0.80 7.33 11.67
CA GLY A 26 0.63 8.05 10.36
C GLY A 26 -0.40 9.13 10.54
N ARG A 27 -0.96 9.55 9.40
CA ARG A 27 -1.92 10.66 9.46
C ARG A 27 -2.88 10.63 8.26
N ALA A 28 -3.99 11.28 8.45
CA ALA A 28 -4.87 11.63 7.34
C ALA A 28 -4.88 13.15 7.39
N GLU A 29 -4.27 13.78 6.40
CA GLU A 29 -4.03 15.25 6.45
C GLU A 29 -4.67 15.84 5.17
N ALA A 30 -5.81 16.47 5.42
CA ALA A 30 -6.47 17.19 4.36
C ALA A 30 -5.84 18.53 4.15
N ARG A 31 -5.51 18.90 2.92
CA ARG A 31 -4.72 20.14 2.67
C ARG A 31 -5.25 20.76 1.40
N LEU A 32 -5.77 21.99 1.50
CA LEU A 32 -6.21 22.73 0.32
C LEU A 32 -5.21 23.83 0.07
N SER A 33 -4.62 23.85 -1.09
CA SER A 33 -3.70 24.92 -1.53
C SER A 33 -4.38 25.87 -2.47
N LEU A 34 -4.25 27.18 -2.22
CA LEU A 34 -4.88 28.17 -3.07
C LEU A 34 -3.77 29.07 -3.61
N LYS A 35 -3.62 29.10 -4.92
CA LYS A 35 -2.61 30.00 -5.59
C LYS A 35 -3.33 30.72 -6.74
N ASP A 36 -3.34 32.05 -6.70
CA ASP A 36 -4.07 32.84 -7.76
C ASP A 36 -5.55 32.46 -7.77
N GLY A 37 -6.10 32.14 -6.60
CA GLY A 37 -7.50 31.84 -6.35
C GLY A 37 -7.89 30.47 -6.92
N LYS A 38 -6.90 29.63 -7.23
CA LYS A 38 -7.16 28.33 -7.85
C LYS A 38 -6.71 27.22 -6.84
N ALA A 39 -7.63 26.26 -6.61
CA ALA A 39 -7.45 25.23 -5.56
C ALA A 39 -6.76 23.99 -6.11
N GLN A 40 -5.84 23.46 -5.27
CA GLN A 40 -5.27 22.14 -5.46
C GLN A 40 -5.38 21.30 -4.20
N ASP A 41 -5.80 20.03 -4.35
CA ASP A 41 -5.91 19.13 -3.22
C ASP A 41 -4.56 18.50 -2.99
N ASN A 42 -3.88 18.91 -1.90
CA ASN A 42 -2.55 18.40 -1.55
C ASN A 42 -2.70 17.50 -0.34
N SER A 43 -3.86 16.89 -0.14
CA SER A 43 -4.13 15.99 0.97
C SER A 43 -3.19 14.80 0.86
N ARG A 44 -2.86 14.27 2.00
CA ARG A 44 -2.01 13.07 2.04
C ARG A 44 -2.38 12.19 3.23
N VAL A 45 -2.23 10.89 3.04
CA VAL A 45 -2.28 9.96 4.15
C VAL A 45 -0.88 9.36 4.29
N ARG A 46 -0.49 9.19 5.53
CA ARG A 46 0.64 8.31 5.88
C ARG A 46 0.18 7.17 6.75
N LEU A 47 0.76 5.98 6.50
CA LEU A 47 0.56 4.81 7.34
C LEU A 47 1.99 4.29 7.68
N ASN A 48 2.16 4.03 8.97
CA ASN A 48 3.41 3.55 9.44
C ASN A 48 3.25 2.49 10.53
N PHE A 49 4.28 1.65 10.58
CA PHE A 49 4.35 0.44 11.41
C PHE A 49 5.72 0.35 12.02
N LEU A 50 5.75 0.44 13.36
CA LEU A 50 7.00 0.48 14.12
C LEU A 50 6.93 -0.70 15.14
N GLY A 51 7.84 -1.60 14.91
CA GLY A 51 8.03 -2.71 15.85
C GLY A 51 9.33 -2.61 16.63
N LYS A 52 9.20 -2.88 17.93
CA LYS A 52 10.39 -2.81 18.82
C LYS A 52 10.37 -4.06 19.69
N ALA A 53 11.50 -4.74 19.77
CA ALA A 53 11.65 -5.96 20.58
C ALA A 53 12.87 -5.77 21.53
N GLU A 54 12.55 -5.72 22.80
CA GLU A 54 13.57 -5.56 23.85
C GLU A 54 14.26 -6.87 23.88
N ILE A 55 15.57 -6.82 23.76
CA ILE A 55 16.39 -8.01 23.77
C ILE A 55 16.93 -8.22 25.23
N ASN A 56 17.45 -7.14 25.78
CA ASN A 56 17.81 -7.08 27.18
C ASN A 56 17.71 -5.64 27.59
N ASP A 57 18.07 -5.26 28.83
CA ASP A 57 17.99 -3.86 29.16
C ASP A 57 18.99 -2.98 28.51
N SER A 58 19.89 -3.50 27.69
CA SER A 58 20.90 -2.69 27.02
C SER A 58 20.65 -2.66 25.51
N LEU A 59 19.68 -3.47 25.04
CA LEU A 59 19.68 -3.75 23.60
C LEU A 59 18.26 -4.04 23.10
N TYR A 60 17.92 -3.47 21.93
CA TYR A 60 16.55 -3.73 21.37
C TYR A 60 16.77 -3.76 19.80
N GLY A 61 15.84 -4.47 19.15
CA GLY A 61 15.74 -4.45 17.68
C GLY A 61 14.50 -3.66 17.30
N VAL A 62 14.63 -3.03 16.13
CA VAL A 62 13.57 -2.20 15.58
C VAL A 62 13.35 -2.51 14.08
N GLY A 63 12.08 -2.31 13.69
CA GLY A 63 11.69 -2.39 12.26
C GLY A 63 10.71 -1.26 11.98
N PHE A 64 10.81 -0.60 10.82
CA PHE A 64 9.94 0.49 10.53
C PHE A 64 9.62 0.54 9.03
N TYR A 65 8.33 0.82 8.80
CA TYR A 65 7.86 1.16 7.41
C TYR A 65 7.01 2.41 7.53
N GLU A 66 7.10 3.27 6.50
CA GLU A 66 6.12 4.34 6.33
C GLU A 66 5.87 4.50 4.84
N GLY A 67 4.57 4.57 4.55
CA GLY A 67 4.10 4.92 3.21
C GLY A 67 3.28 6.18 3.18
N GLU A 68 3.33 6.89 2.07
CA GLU A 68 2.48 8.10 1.90
C GLU A 68 1.61 7.81 0.63
N PHE A 69 0.37 8.18 0.74
CA PHE A 69 -0.68 7.86 -0.24
C PHE A 69 -1.41 9.15 -0.56
N THR A 70 -1.61 9.41 -1.86
CA THR A 70 -2.33 10.58 -2.31
C THR A 70 -3.27 10.25 -3.45
N THR A 71 -4.10 11.27 -3.81
CA THR A 71 -5.02 11.15 -4.97
C THR A 71 -4.70 12.36 -5.92
N ASN A 72 -5.07 12.14 -7.17
CA ASN A 72 -5.00 13.17 -8.18
C ASN A 72 -6.09 12.94 -9.23
N ASP A 73 -7.32 13.12 -8.77
CA ASP A 73 -8.50 12.79 -9.58
C ASP A 73 -8.69 13.68 -10.80
N GLN A 74 -8.35 14.97 -10.66
CA GLN A 74 -8.53 15.92 -11.78
C GLN A 74 -9.97 15.89 -12.24
N GLY A 75 -10.91 15.73 -11.35
CA GLY A 75 -12.29 15.77 -11.70
C GLY A 75 -13.08 14.54 -12.09
N LYS A 76 -12.39 13.42 -12.15
CA LYS A 76 -12.99 12.12 -12.36
C LYS A 76 -12.79 11.25 -11.13
N ASN A 77 -13.67 10.31 -10.89
CA ASN A 77 -13.39 9.30 -9.85
C ASN A 77 -12.42 8.34 -10.42
N ALA A 78 -11.14 8.68 -10.27
CA ALA A 78 -10.06 7.97 -10.91
C ALA A 78 -9.54 6.88 -10.00
N SER A 79 -8.79 5.98 -10.62
CA SER A 79 -8.04 5.04 -9.83
C SER A 79 -6.70 5.73 -9.53
N ASN A 80 -6.30 5.73 -8.26
CA ASN A 80 -5.11 6.51 -7.82
C ASN A 80 -4.08 5.58 -7.22
N ASN A 81 -2.99 5.33 -7.99
CA ASN A 81 -1.92 4.42 -7.61
C ASN A 81 -0.76 5.36 -7.27
N SER A 82 -0.89 6.11 -6.17
CA SER A 82 0.19 7.00 -5.69
C SER A 82 0.66 6.51 -4.35
N LEU A 83 1.85 5.97 -4.38
CA LEU A 83 2.48 5.47 -3.18
C LEU A 83 3.92 5.94 -3.15
N ASP A 84 4.38 6.37 -1.95
CA ASP A 84 5.80 6.60 -1.73
C ASP A 84 6.20 5.84 -0.44
N ASN A 85 7.10 4.88 -0.61
CA ASN A 85 7.65 4.16 0.56
C ASN A 85 8.76 5.02 1.18
N ARG A 86 8.34 5.83 2.11
CA ARG A 86 9.23 6.90 2.67
C ARG A 86 10.36 6.34 3.53
N TYR A 87 10.03 5.27 4.23
CA TYR A 87 10.98 4.59 5.16
C TYR A 87 10.86 3.12 4.99
N THR A 88 12.02 2.42 4.92
CA THR A 88 12.00 0.93 5.00
C THR A 88 13.36 0.53 5.65
N TYR A 89 13.34 0.29 6.96
CA TYR A 89 14.60 -0.03 7.63
C TYR A 89 14.39 -0.97 8.79
N ALA A 90 15.53 -1.59 9.17
CA ALA A 90 15.58 -2.31 10.43
C ALA A 90 16.88 -1.83 11.12
N GLY A 91 16.96 -2.05 12.43
CA GLY A 91 18.06 -1.47 13.21
C GLY A 91 18.20 -2.15 14.56
N ILE A 92 19.29 -1.77 15.23
CA ILE A 92 19.48 -2.28 16.57
C ILE A 92 19.89 -1.05 17.40
N GLY A 93 19.39 -0.97 18.60
CA GLY A 93 19.77 0.11 19.47
C GLY A 93 20.05 -0.34 20.88
N GLY A 94 20.53 0.62 21.63
CA GLY A 94 20.75 0.39 23.07
C GLY A 94 21.25 1.65 23.73
N THR A 95 21.84 1.53 24.89
CA THR A 95 22.29 2.72 25.59
C THR A 95 23.20 3.67 24.74
N TYR A 96 23.98 3.11 23.78
CA TYR A 96 24.92 3.88 22.93
C TYR A 96 24.34 4.43 21.59
N GLY A 97 23.01 4.27 21.44
CA GLY A 97 22.24 4.85 20.32
C GLY A 97 21.66 3.74 19.48
N GLU A 98 21.30 4.08 18.27
CA GLU A 98 20.55 3.16 17.37
C GLU A 98 21.18 3.27 16.01
N VAL A 99 21.38 2.14 15.36
CA VAL A 99 21.91 2.11 14.03
C VAL A 99 20.92 1.31 13.18
N THR A 100 20.71 1.82 12.00
CA THR A 100 19.78 1.18 11.00
C THR A 100 20.40 1.07 9.65
N TYR A 101 19.83 0.18 8.80
CA TYR A 101 20.19 0.12 7.39
C TYR A 101 18.83 0.06 6.61
N GLY A 102 18.82 0.73 5.47
CA GLY A 102 17.58 0.84 4.65
C GLY A 102 17.28 2.28 4.50
N LYS A 103 16.17 2.67 3.89
CA LYS A 103 15.89 4.06 3.76
C LYS A 103 15.45 4.65 5.07
N ASN A 104 16.23 5.64 5.54
CA ASN A 104 15.98 6.31 6.82
C ASN A 104 16.66 7.69 6.73
N ASP A 105 16.39 8.54 7.71
CA ASP A 105 16.97 9.88 7.79
C ASP A 105 18.48 9.87 7.98
N GLY A 106 19.13 10.76 7.26
CA GLY A 106 20.55 11.17 7.55
C GLY A 106 20.56 12.17 8.69
N ALA A 107 21.69 12.87 8.84
CA ALA A 107 21.94 13.59 10.09
C ALA A 107 21.39 15.02 10.13
N LEU A 108 21.00 15.63 8.95
CA LEU A 108 20.74 17.07 9.00
C LEU A 108 19.35 17.46 9.27
N GLY A 109 18.37 16.54 9.15
CA GLY A 109 17.03 16.86 9.48
C GLY A 109 16.80 17.47 10.89
N VAL A 110 17.55 16.98 11.88
CA VAL A 110 17.35 17.51 13.22
C VAL A 110 17.97 18.92 13.32
N ILE A 111 18.78 19.31 12.37
CA ILE A 111 19.29 20.69 12.29
C ILE A 111 18.33 21.59 11.59
N THR A 112 17.77 21.10 10.46
CA THR A 112 16.72 21.89 9.83
C THR A 112 15.48 22.04 10.67
N ASP A 113 15.24 21.09 11.57
CA ASP A 113 14.20 21.14 12.54
C ASP A 113 14.23 22.35 13.52
N PHE A 114 15.40 23.02 13.58
CA PHE A 114 15.43 24.23 14.39
C PHE A 114 14.45 25.28 13.88
N THR A 115 14.32 25.43 12.55
CA THR A 115 13.45 26.40 11.94
C THR A 115 12.24 25.86 11.16
N ASP A 116 12.20 24.57 11.01
CA ASP A 116 11.05 23.85 10.35
C ASP A 116 9.95 23.64 11.36
N ILE A 117 9.23 24.71 11.75
CA ILE A 117 8.24 24.68 12.75
C ILE A 117 6.84 24.98 12.32
N MET A 118 6.61 25.22 11.03
CA MET A 118 5.30 25.57 10.53
C MET A 118 4.50 24.32 10.10
N SER A 119 3.22 24.49 10.12
CA SER A 119 2.34 23.32 9.73
C SER A 119 2.47 22.93 8.26
N TYR A 120 2.67 23.92 7.38
CA TYR A 120 2.66 23.70 5.94
C TYR A 120 3.83 24.37 5.16
N HIS A 121 4.14 25.62 5.53
CA HIS A 121 5.15 26.42 4.87
C HIS A 121 6.47 26.28 5.60
N GLY A 122 7.44 27.15 5.29
CA GLY A 122 8.73 27.06 5.91
C GLY A 122 9.56 25.96 5.31
N ASN A 123 10.79 25.77 5.83
CA ASN A 123 11.73 24.75 5.28
C ASN A 123 11.95 24.86 3.80
N THR A 124 11.98 26.12 3.29
CA THR A 124 12.25 26.39 1.87
C THR A 124 13.61 26.89 1.52
N ALA A 125 14.50 27.08 2.52
CA ALA A 125 15.83 27.55 2.27
C ALA A 125 16.80 26.79 3.12
N ALA A 126 16.66 25.47 3.09
CA ALA A 126 17.51 24.61 3.91
C ALA A 126 17.69 23.28 3.19
N GLU A 127 18.10 23.32 1.92
CA GLU A 127 18.07 22.10 1.08
C GLU A 127 19.07 21.11 1.70
N LYS A 128 18.62 19.87 1.85
CA LYS A 128 19.49 18.76 2.32
C LYS A 128 19.86 17.84 1.18
N ILE A 129 21.11 17.60 0.99
CA ILE A 129 21.54 16.60 0.02
C ILE A 129 21.11 15.17 0.50
N ALA A 130 21.02 14.25 -0.44
CA ALA A 130 20.35 12.98 -0.15
C ALA A 130 20.80 12.29 1.15
N VAL A 131 22.12 12.11 1.27
CA VAL A 131 22.69 11.40 2.39
C VAL A 131 22.42 12.11 3.74
N ALA A 132 22.18 13.40 3.67
CA ALA A 132 21.80 14.14 4.86
C ALA A 132 20.35 14.19 5.19
N ASP A 133 19.52 13.73 4.19
CA ASP A 133 18.10 13.91 4.14
C ASP A 133 17.47 12.57 4.52
N ARG A 134 17.12 11.78 3.49
CA ARG A 134 16.55 10.46 3.68
C ARG A 134 16.79 9.71 2.44
N VAL A 135 17.46 8.54 2.50
CA VAL A 135 17.92 7.86 1.32
C VAL A 135 18.28 6.46 1.70
N ASP A 136 18.17 5.53 0.76
CA ASP A 136 18.48 4.13 0.98
C ASP A 136 19.98 3.81 0.81
N ASN A 137 20.33 2.54 0.97
CA ASN A 137 21.70 2.07 0.85
C ASN A 137 22.57 2.77 1.90
N MET A 138 21.95 3.07 3.01
CA MET A 138 22.52 3.94 4.00
C MET A 138 22.48 3.35 5.38
N LEU A 139 23.62 3.45 6.08
CA LEU A 139 23.69 3.20 7.49
C LEU A 139 23.44 4.49 8.25
N ALA A 140 22.49 4.52 9.16
CA ALA A 140 22.10 5.75 9.89
C ALA A 140 22.21 5.50 11.37
N TYR A 141 22.81 6.47 12.08
CA TYR A 141 23.07 6.36 13.53
C TYR A 141 22.50 7.56 14.22
N LYS A 142 21.92 7.35 15.39
CA LYS A 142 21.55 8.43 16.31
C LYS A 142 21.88 8.05 17.74
N GLY A 143 22.29 9.02 18.54
CA GLY A 143 22.54 8.74 19.99
C GLY A 143 22.38 10.00 20.78
N GLN A 144 22.04 9.86 22.07
CA GLN A 144 21.90 11.02 22.95
C GLN A 144 22.75 10.70 24.21
N PHE A 145 23.69 11.56 24.52
CA PHE A 145 24.65 11.40 25.65
C PHE A 145 24.49 12.65 26.47
N GLY A 146 23.73 12.52 27.52
CA GLY A 146 23.37 13.67 28.29
C GLY A 146 22.72 14.74 27.43
N ASP A 147 23.34 15.92 27.43
CA ASP A 147 22.81 17.06 26.67
C ASP A 147 23.31 17.11 25.26
N LEU A 148 24.08 16.12 24.84
CA LEU A 148 24.61 16.06 23.49
C LEU A 148 23.81 15.05 22.64
N GLY A 149 23.15 15.53 21.56
CA GLY A 149 22.53 14.60 20.50
C GLY A 149 23.42 14.50 19.30
N VAL A 150 23.76 13.29 18.82
CA VAL A 150 24.57 13.13 17.65
CA VAL A 150 24.59 13.06 17.70
C VAL A 150 23.82 12.24 16.67
N LYS A 151 23.97 12.61 15.42
CA LYS A 151 23.54 11.73 14.30
C LYS A 151 24.64 11.60 13.33
N ALA A 152 24.66 10.47 12.59
CA ALA A 152 25.61 10.30 11.52
C ALA A 152 25.03 9.33 10.50
N SER A 153 25.49 9.43 9.27
CA SER A 153 25.13 8.40 8.31
C SER A 153 26.26 8.20 7.32
N TYR A 154 26.25 7.03 6.67
CA TYR A 154 27.17 6.68 5.65
C TYR A 154 26.41 5.90 4.60
N ARG A 155 26.40 6.45 3.41
CA ARG A 155 25.72 5.79 2.28
C ARG A 155 26.75 5.16 1.37
N PHE A 156 26.48 3.93 0.98
CA PHE A 156 27.29 3.26 -0.02
C PHE A 156 26.94 3.75 -1.48
N ALA A 157 27.90 3.79 -2.40
CA ALA A 157 27.54 3.92 -3.84
C ALA A 157 26.69 2.73 -4.24
N ASP A 158 25.70 2.95 -5.13
CA ASP A 158 24.89 1.87 -5.56
C ASP A 158 25.55 1.10 -6.69
N ARG A 159 25.62 -0.21 -6.52
CA ARG A 159 26.12 -1.12 -7.55
C ARG A 159 25.28 -0.94 -8.83
N ASN A 160 25.96 -0.99 -9.96
CA ASN A 160 25.26 -1.07 -11.24
C ASN A 160 26.02 -2.05 -12.14
N ALA A 161 25.48 -2.28 -13.32
CA ALA A 161 26.13 -3.18 -14.28
C ALA A 161 26.41 -2.40 -15.53
N VAL A 162 27.61 -2.54 -16.07
CA VAL A 162 28.04 -1.75 -17.25
C VAL A 162 28.62 -2.58 -18.40
N ASP A 163 28.63 -2.02 -19.62
CA ASP A 163 29.35 -2.67 -20.77
C ASP A 163 30.80 -2.29 -20.81
N ALA A 164 31.51 -2.71 -21.85
CA ALA A 164 32.96 -2.56 -21.88
C ALA A 164 33.42 -1.12 -22.02
N MET A 165 32.52 -0.22 -22.44
CA MET A 165 32.79 1.21 -22.48
C MET A 165 32.18 1.95 -21.26
N GLY A 166 31.63 1.29 -20.24
CA GLY A 166 31.08 2.03 -19.10
C GLY A 166 29.64 2.45 -19.23
N ASN A 167 28.96 2.13 -20.34
CA ASN A 167 27.48 2.38 -20.40
C ASN A 167 26.73 1.46 -19.41
N VAL A 168 25.73 2.01 -18.71
CA VAL A 168 24.85 1.22 -17.83
C VAL A 168 23.82 0.36 -18.57
N VAL A 169 23.69 -0.92 -18.22
CA VAL A 169 22.84 -1.85 -18.90
C VAL A 169 22.23 -2.81 -17.93
N THR A 170 21.34 -3.66 -18.40
CA THR A 170 20.87 -4.80 -17.65
C THR A 170 22.03 -5.73 -17.27
N GLU A 171 21.92 -6.39 -16.14
CA GLU A 171 22.94 -7.33 -15.70
C GLU A 171 23.20 -8.42 -16.72
N THR A 172 22.15 -8.94 -17.37
CA THR A 172 22.35 -9.97 -18.40
C THR A 172 23.27 -9.51 -19.52
N ASN A 173 23.25 -8.25 -19.86
CA ASN A 173 24.06 -7.70 -20.91
C ASN A 173 25.34 -7.04 -20.46
N ALA A 174 25.70 -7.12 -19.17
CA ALA A 174 26.82 -6.32 -18.68
C ALA A 174 28.13 -7.04 -18.82
N ALA A 175 29.20 -6.28 -18.88
CA ALA A 175 30.54 -6.83 -18.84
C ALA A 175 31.10 -6.87 -17.42
N LYS A 176 30.69 -5.97 -16.56
CA LYS A 176 31.15 -5.97 -15.17
C LYS A 176 30.19 -5.16 -14.31
N TYR A 177 30.33 -5.33 -13.01
CA TYR A 177 29.69 -4.43 -12.06
C TYR A 177 30.56 -3.20 -11.87
N SER A 178 29.87 -2.08 -11.68
CA SER A 178 30.49 -0.81 -11.32
C SER A 178 29.56 -0.21 -10.20
N ASP A 179 29.71 1.09 -10.00
CA ASP A 179 28.76 1.85 -9.13
C ASP A 179 28.54 3.22 -9.67
N ASN A 180 27.56 3.92 -9.08
CA ASN A 180 27.16 5.22 -9.55
C ASN A 180 27.93 6.38 -8.85
N GLY A 181 28.94 6.06 -8.07
CA GLY A 181 29.67 7.11 -7.32
C GLY A 181 28.86 7.88 -6.25
N GLU A 182 27.70 7.36 -5.86
CA GLU A 182 26.82 8.12 -4.92
C GLU A 182 27.04 7.73 -3.46
N ASP A 183 28.29 7.40 -3.08
CA ASP A 183 28.58 7.24 -1.68
C ASP A 183 28.60 8.62 -1.00
N GLY A 184 28.49 8.60 0.30
CA GLY A 184 28.47 9.82 1.06
C GLY A 184 28.34 9.63 2.50
N TYR A 185 28.40 10.77 3.22
CA TYR A 185 28.19 10.75 4.67
C TYR A 185 27.60 12.02 5.18
N SER A 186 27.05 11.95 6.37
CA SER A 186 26.52 13.13 7.07
C SER A 186 26.83 12.96 8.54
N LEU A 187 26.89 14.10 9.20
CA LEU A 187 27.21 14.13 10.67
C LEU A 187 26.55 15.38 11.28
N SER A 188 25.95 15.28 12.45
CA SER A 188 25.42 16.44 13.15
C SER A 188 25.52 16.27 14.65
N ALA A 189 25.51 17.39 15.31
CA ALA A 189 25.51 17.48 16.78
C ALA A 189 24.62 18.56 17.23
N ILE A 190 23.84 18.33 18.29
CA ILE A 190 23.00 19.32 18.93
C ILE A 190 23.34 19.34 20.42
N TYR A 191 23.54 20.53 20.96
CA TYR A 191 23.82 20.65 22.41
C TYR A 191 22.72 21.45 23.02
N THR A 192 22.05 20.84 24.06
CA THR A 192 21.01 21.46 24.79
C THR A 192 21.65 21.95 26.14
N PHE A 193 21.59 23.25 26.36
CA PHE A 193 22.26 23.79 27.57
C PHE A 193 21.35 23.68 28.82
N GLY A 194 21.31 22.48 29.38
CA GLY A 194 20.51 22.16 30.59
C GLY A 194 19.06 22.52 30.40
N ASP A 195 18.57 23.28 31.35
CA ASP A 195 17.21 23.78 31.40
C ASP A 195 17.04 25.19 30.93
N THR A 196 18.03 25.80 30.24
CA THR A 196 17.96 27.19 29.88
C THR A 196 16.99 27.53 28.74
N GLY A 197 16.73 26.51 27.92
CA GLY A 197 15.96 26.68 26.73
C GLY A 197 16.79 26.97 25.51
N PHE A 198 18.13 26.98 25.65
CA PHE A 198 19.02 27.37 24.57
C PHE A 198 19.62 26.17 24.00
N ASN A 199 19.50 25.97 22.66
CA ASN A 199 20.13 24.88 21.97
C ASN A 199 20.96 25.42 20.78
N VAL A 200 22.04 24.74 20.51
CA VAL A 200 22.81 24.97 19.30
C VAL A 200 22.98 23.68 18.53
N GLY A 201 23.20 23.82 17.23
CA GLY A 201 23.43 22.67 16.35
C GLY A 201 24.30 22.97 15.17
N ALA A 202 24.93 21.92 14.69
CA ALA A 202 25.83 22.00 13.53
C ALA A 202 25.88 20.67 12.83
N GLY A 203 26.10 20.70 11.52
CA GLY A 203 26.33 19.49 10.81
C GLY A 203 26.95 19.66 9.44
N TYR A 204 27.28 18.55 8.79
CA TYR A 204 27.93 18.58 7.52
C TYR A 204 27.50 17.32 6.75
N ALA A 205 27.60 17.39 5.45
CA ALA A 205 27.37 16.24 4.59
C ALA A 205 28.13 16.38 3.32
N ASP A 206 28.51 15.23 2.75
CA ASP A 206 29.16 15.18 1.48
C ASP A 206 28.73 13.96 0.67
N GLN A 207 28.47 14.17 -0.61
CA GLN A 207 28.04 13.08 -1.50
C GLN A 207 28.36 13.44 -2.96
N ASP A 208 29.37 12.75 -3.45
CA ASP A 208 29.95 13.04 -4.82
C ASP A 208 30.24 14.52 -5.01
N ASP A 209 29.49 15.20 -5.89
CA ASP A 209 29.80 16.63 -6.19
C ASP A 209 28.96 17.56 -5.34
N GLN A 210 28.31 17.02 -4.32
CA GLN A 210 27.44 17.82 -3.46
C GLN A 210 28.04 17.84 -2.08
N ASN A 211 27.89 18.97 -1.43
CA ASN A 211 28.36 19.09 -0.03
C ASN A 211 27.67 20.25 0.66
N GLU A 212 27.59 20.24 1.96
CA GLU A 212 26.99 21.35 2.69
C GLU A 212 27.34 21.27 4.17
N TYR A 213 27.30 22.43 4.79
CA TYR A 213 27.25 22.51 6.23
C TYR A 213 26.09 23.32 6.70
N MET A 214 25.66 23.11 7.94
CA MET A 214 24.64 23.82 8.57
C MET A 214 25.00 24.26 10.00
N LEU A 215 24.48 25.43 10.39
CA LEU A 215 24.59 25.95 11.75
C LEU A 215 23.28 26.47 12.17
N ALA A 216 22.89 26.19 13.44
CA ALA A 216 21.66 26.62 13.96
C ALA A 216 21.70 26.94 15.43
N ALA A 217 20.77 27.72 15.86
CA ALA A 217 20.53 28.00 17.23
C ALA A 217 19.08 28.25 17.49
N SER A 218 18.64 27.97 18.71
CA SER A 218 17.27 28.29 19.10
C SER A 218 17.13 28.65 20.56
N TYR A 219 16.10 29.38 20.90
CA TYR A 219 15.85 29.72 22.26
C TYR A 219 14.38 29.58 22.51
N ARG A 220 14.05 28.76 23.48
CA ARG A 220 12.62 28.39 23.83
C ARG A 220 12.38 28.98 25.25
N MET A 221 11.39 29.85 25.39
CA MET A 221 10.91 30.31 26.70
C MET A 221 9.56 29.64 26.85
N GLU A 222 8.77 30.07 27.80
CA GLU A 222 7.56 29.28 28.15
C GLU A 222 6.52 29.17 27.03
N ASN A 223 6.22 30.28 26.38
CA ASN A 223 5.30 30.29 25.23
C ASN A 223 5.86 30.91 23.99
N LEU A 224 7.18 31.13 23.94
CA LEU A 224 7.79 31.79 22.79
C LEU A 224 8.99 30.95 22.31
N TYR A 225 9.25 31.04 21.03
CA TYR A 225 10.38 30.26 20.44
C TYR A 225 10.99 31.09 19.35
N PHE A 226 12.32 31.11 19.29
CA PHE A 226 13.06 31.78 18.26
C PHE A 226 14.19 30.92 17.77
N ALA A 227 14.48 30.96 16.50
CA ALA A 227 15.58 30.16 15.94
C ALA A 227 16.07 30.68 14.62
N GLY A 228 17.29 30.34 14.28
CA GLY A 228 17.93 30.66 13.02
C GLY A 228 18.71 29.46 12.55
N LEU A 229 18.86 29.37 11.23
CA LEU A 229 19.57 28.28 10.53
C LEU A 229 20.26 28.83 9.32
N PHE A 230 21.47 28.38 9.08
CA PHE A 230 22.29 28.76 7.95
C PHE A 230 22.80 27.53 7.29
N THR A 231 22.71 27.49 5.95
CA THR A 231 23.21 26.39 5.15
C THR A 231 24.07 26.90 4.08
N ASP A 232 25.19 26.24 3.85
CA ASP A 232 26.07 26.63 2.72
C ASP A 232 26.73 25.44 2.13
N GLY A 233 26.82 25.39 0.81
CA GLY A 233 27.45 24.30 0.14
C GLY A 233 27.35 24.36 -1.40
N GLU A 234 27.43 23.20 -2.00
CA GLU A 234 27.40 23.06 -3.45
C GLU A 234 26.37 22.01 -3.78
N LEU A 235 25.52 22.26 -4.78
CA LEU A 235 24.53 21.26 -5.21
C LEU A 235 25.05 20.50 -6.43
N ALA A 236 26.11 21.02 -7.04
CA ALA A 236 26.82 20.39 -8.15
C ALA A 236 28.17 21.10 -8.30
N LYS A 237 29.10 20.53 -9.08
CA LYS A 237 30.36 21.22 -9.39
C LYS A 237 29.98 22.60 -9.94
N ASP A 238 30.51 23.64 -9.33
CA ASP A 238 30.23 25.03 -9.68
C ASP A 238 28.76 25.52 -9.59
N VAL A 239 27.94 24.88 -8.75
CA VAL A 239 26.63 25.40 -8.42
C VAL A 239 26.61 25.61 -6.89
N ASP A 240 26.81 26.85 -6.50
CA ASP A 240 26.74 27.17 -5.06
C ASP A 240 25.31 27.20 -4.57
N TYR A 241 25.16 26.88 -3.27
CA TYR A 241 23.92 27.08 -2.60
C TYR A 241 24.17 27.66 -1.22
N THR A 242 23.37 28.66 -0.88
CA THR A 242 23.36 29.28 0.47
C THR A 242 21.93 29.58 0.86
N GLY A 243 21.55 29.22 2.08
CA GLY A 243 20.27 29.53 2.60
C GLY A 243 20.25 29.97 4.01
N TYR A 244 19.29 30.82 4.33
CA TYR A 244 19.10 31.38 5.69
C TYR A 244 17.65 31.22 6.05
N GLU A 245 17.36 30.79 7.26
CA GLU A 245 16.06 30.81 7.81
C GLU A 245 16.00 31.42 9.19
N LEU A 246 14.96 32.17 9.46
CA LEU A 246 14.57 32.63 10.77
C LEU A 246 13.21 32.12 11.10
N ALA A 247 12.97 31.76 12.34
CA ALA A 247 11.66 31.27 12.81
C ALA A 247 11.24 31.85 14.15
N ALA A 248 9.98 32.13 14.32
CA ALA A 248 9.45 32.53 15.58
C ALA A 248 8.14 31.86 15.84
N GLY A 249 7.92 31.45 17.06
CA GLY A 249 6.68 30.85 17.45
C GLY A 249 6.11 31.34 18.75
N TYR A 250 4.79 31.35 18.82
CA TYR A 250 4.08 31.73 20.01
C TYR A 250 2.93 30.79 20.28
N LYS A 251 2.77 30.33 21.50
CA LYS A 251 1.70 29.46 21.88
C LYS A 251 0.75 30.21 22.84
N LEU A 252 -0.53 30.16 22.53
CA LEU A 252 -1.58 30.76 23.34
C LEU A 252 -2.70 29.75 23.51
N GLY A 253 -2.81 29.16 24.67
CA GLY A 253 -3.84 28.13 24.96
C GLY A 253 -3.59 26.92 24.03
N GLN A 254 -4.60 26.59 23.23
CA GLN A 254 -4.49 25.44 22.32
C GLN A 254 -3.96 25.81 20.93
N ALA A 255 -3.62 27.06 20.70
CA ALA A 255 -3.16 27.53 19.45
C ALA A 255 -1.70 27.80 19.37
N ALA A 256 -1.08 27.49 18.23
CA ALA A 256 0.29 27.83 17.97
C ALA A 256 0.38 28.69 16.73
N PHE A 257 1.11 29.80 16.82
CA PHE A 257 1.31 30.74 15.74
C PHE A 257 2.77 30.77 15.39
N THR A 258 3.07 30.70 14.11
CA THR A 258 4.44 30.77 13.67
C THR A 258 4.67 31.64 12.50
N ALA A 259 5.88 32.20 12.41
CA ALA A 259 6.35 32.95 11.29
C ALA A 259 7.72 32.56 10.92
N THR A 260 8.01 32.46 9.63
CA THR A 260 9.34 32.18 9.13
C THR A 260 9.72 33.09 8.02
N TYR A 261 11.02 33.35 7.93
CA TYR A 261 11.65 33.94 6.76
C TYR A 261 12.65 33.01 6.22
N ASN A 262 12.62 32.76 4.91
CA ASN A 262 13.48 31.80 4.25
C ASN A 262 14.01 32.45 3.02
N ASN A 263 15.32 32.45 2.84
CA ASN A 263 16.00 33.01 1.70
C ASN A 263 17.08 32.12 1.25
N ALA A 264 17.02 31.65 0.00
CA ALA A 264 18.08 30.84 -0.60
C ALA A 264 18.56 31.41 -1.89
N GLU A 265 19.82 31.20 -2.17
CA GLU A 265 20.49 31.50 -3.46
C GLU A 265 21.12 30.27 -4.04
N THR A 266 20.85 30.03 -5.33
CA THR A 266 21.43 28.95 -6.02
C THR A 266 22.22 29.51 -7.19
N ALA A 267 23.47 29.11 -7.33
CA ALA A 267 24.36 29.74 -8.33
C ALA A 267 24.33 31.27 -8.28
N LYS A 268 24.39 31.82 -7.07
CA LYS A 268 24.33 33.28 -6.75
C LYS A 268 23.14 34.06 -7.26
N LYS A 269 22.03 33.38 -7.54
CA LYS A 269 20.79 34.03 -7.81
C LYS A 269 19.77 33.53 -6.79
N THR A 270 18.92 34.43 -6.33
CA THR A 270 17.89 34.09 -5.39
C THR A 270 16.95 33.05 -6.00
N SER A 271 16.81 31.93 -5.29
CA SER A 271 15.89 30.84 -5.70
C SER A 271 14.67 30.65 -4.78
N ALA A 272 14.74 31.20 -3.55
CA ALA A 272 13.62 31.23 -2.63
C ALA A 272 13.70 32.49 -1.81
N ASP A 273 12.55 33.14 -1.62
CA ASP A 273 12.48 34.33 -0.78
C ASP A 273 11.08 34.43 -0.25
N ASN A 274 10.84 33.80 0.89
CA ASN A 274 9.53 33.60 1.45
C ASN A 274 9.37 34.08 2.84
N PHE A 275 8.32 34.82 3.08
CA PHE A 275 7.86 35.13 4.43
C PHE A 275 6.51 34.49 4.66
N ALA A 276 6.40 33.62 5.62
CA ALA A 276 5.12 32.90 5.82
C ALA A 276 4.70 32.99 7.27
N ILE A 277 3.38 33.01 7.51
CA ILE A 277 2.80 33.05 8.83
C ILE A 277 1.72 32.02 8.89
N ASP A 278 1.55 31.41 10.05
CA ASP A 278 0.47 30.48 10.23
C ASP A 278 -0.13 30.44 11.57
N ALA A 279 -1.22 29.73 11.67
CA ALA A 279 -1.95 29.51 12.91
C ALA A 279 -2.47 28.06 12.90
N THR A 280 -2.22 27.36 13.99
CA THR A 280 -2.57 25.94 14.12
C THR A 280 -3.31 25.76 15.42
N TYR A 281 -4.47 25.16 15.37
CA TYR A 281 -5.33 24.91 16.54
C TYR A 281 -5.36 23.47 16.89
N TYR A 282 -4.90 23.10 18.09
CA TYR A 282 -4.87 21.73 18.52
C TYR A 282 -6.11 21.39 19.31
N PHE A 283 -7.05 20.71 18.72
CA PHE A 283 -8.22 20.25 19.44
C PHE A 283 -7.83 19.19 20.45
N LYS A 284 -6.93 18.33 20.00
CA LYS A 284 -6.37 17.25 20.72
C LYS A 284 -5.00 17.08 20.21
N PRO A 285 -4.21 16.30 20.94
CA PRO A 285 -2.87 16.19 20.47
C PRO A 285 -2.71 15.53 19.03
N ASN A 286 -3.72 14.78 18.68
CA ASN A 286 -3.72 14.12 17.35
C ASN A 286 -4.80 14.67 16.44
N PHE A 287 -5.35 15.84 16.69
CA PHE A 287 -6.33 16.41 15.79
C PHE A 287 -6.19 17.91 15.84
N ARG A 288 -5.91 18.50 14.68
CA ARG A 288 -5.61 19.90 14.57
C ARG A 288 -6.13 20.51 13.30
N SER A 289 -6.32 21.83 13.26
CA SER A 289 -6.61 22.58 12.05
C SER A 289 -5.59 23.67 11.84
N TYR A 290 -5.32 24.13 10.64
CA TYR A 290 -4.37 25.20 10.46
C TYR A 290 -4.73 26.01 9.25
N ILE A 291 -4.18 27.24 9.21
CA ILE A 291 -4.24 28.11 8.09
C ILE A 291 -2.89 28.82 7.94
N SER A 292 -2.40 28.94 6.71
CA SER A 292 -1.08 29.42 6.49
C SER A 292 -1.00 30.28 5.28
N TYR A 293 -0.21 31.36 5.31
CA TYR A 293 0.00 32.14 4.14
C TYR A 293 1.43 32.39 3.86
N GLN A 294 1.85 32.14 2.61
CA GLN A 294 3.18 32.36 2.17
C GLN A 294 3.21 33.58 1.27
N PHE A 295 3.92 34.63 1.73
CA PHE A 295 4.26 35.77 0.84
C PHE A 295 5.48 35.45 0.12
N ASN A 296 5.33 35.19 -1.16
CA ASN A 296 6.40 34.86 -2.01
C ASN A 296 7.02 36.14 -2.54
N LEU A 297 8.24 36.42 -2.12
CA LEU A 297 8.84 37.76 -2.42
C LEU A 297 9.64 37.78 -3.67
N LEU A 298 9.77 36.67 -4.39
CA LEU A 298 10.27 36.70 -5.72
C LEU A 298 9.23 37.54 -6.55
N ASP A 299 9.76 38.26 -7.52
CA ASP A 299 8.92 39.03 -8.51
C ASP A 299 9.54 39.00 -9.92
N SER A 300 8.95 39.78 -10.86
CA SER A 300 9.35 39.77 -12.29
C SER A 300 10.79 40.21 -12.48
N ALA A 303 12.06 36.06 -11.36
CA ALA A 303 11.36 34.78 -11.51
C ALA A 303 10.03 34.88 -12.34
N SER A 304 9.58 33.76 -12.90
CA SER A 304 8.33 33.74 -13.65
C SER A 304 7.10 34.15 -12.78
N LYS A 305 5.97 34.45 -13.41
CA LYS A 305 4.73 34.75 -12.65
C LYS A 305 4.37 33.56 -11.73
N VAL A 306 4.42 32.38 -12.28
CA VAL A 306 4.04 31.15 -11.49
C VAL A 306 5.05 30.97 -10.32
N ALA A 307 6.33 31.19 -10.60
CA ALA A 307 7.38 30.99 -9.56
C ALA A 307 7.32 32.03 -8.45
N SER A 308 6.60 33.14 -8.66
CA SER A 308 6.46 34.24 -7.70
C SER A 308 5.13 34.32 -7.01
N GLU A 309 4.21 33.37 -7.24
CA GLU A 309 2.88 33.42 -6.67
C GLU A 309 2.89 33.12 -5.21
N ASP A 310 2.10 33.86 -4.45
CA ASP A 310 1.82 33.58 -3.02
C ASP A 310 0.95 32.32 -2.90
N GLU A 311 0.80 31.80 -1.68
CA GLU A 311 -0.01 30.59 -1.48
C GLU A 311 -0.71 30.70 -0.16
N LEU A 312 -2.02 30.42 -0.18
CA LEU A 312 -2.78 30.22 1.03
C LEU A 312 -2.96 28.69 1.20
N ALA A 313 -2.82 28.17 2.43
CA ALA A 313 -3.09 26.72 2.62
C ALA A 313 -3.95 26.59 3.81
N ILE A 314 -4.90 25.65 3.77
CA ILE A 314 -5.81 25.35 4.82
C ILE A 314 -5.80 23.86 5.09
N GLY A 315 -5.63 23.48 6.35
CA GLY A 315 -5.37 22.04 6.64
C GLY A 315 -6.19 21.55 7.82
N LEU A 316 -6.50 20.25 7.78
CA LEU A 316 -7.14 19.57 8.88
C LEU A 316 -6.40 18.23 9.00
N ARG A 317 -5.80 17.96 10.14
CA ARG A 317 -4.88 16.86 10.26
C ARG A 317 -5.28 15.96 11.41
N TYR A 318 -5.40 14.65 11.13
CA TYR A 318 -5.71 13.62 12.12
C TYR A 318 -4.46 12.75 12.16
N ASP A 319 -3.91 12.49 13.36
CA ASP A 319 -2.77 11.57 13.49
C ASP A 319 -3.23 10.27 14.13
N PHE A 320 -2.91 9.17 13.43
CA PHE A 320 -3.32 7.83 13.84
C PHE A 320 -2.59 7.36 15.10
N ASP B 1 8.63 -19.04 9.97
CA ASP B 1 8.61 -20.25 9.15
C ASP B 1 9.68 -21.30 9.56
N GLY B 2 10.22 -21.24 10.78
CA GLY B 2 10.96 -22.37 11.29
C GLY B 2 12.19 -22.59 10.44
N ILE B 3 12.32 -23.83 9.94
CA ILE B 3 13.53 -24.12 9.23
C ILE B 3 13.57 -23.42 7.90
N ASN B 4 12.40 -22.99 7.41
CA ASN B 4 12.38 -22.25 6.18
C ASN B 4 12.55 -20.78 6.59
N GLN B 5 13.78 -20.38 6.85
CA GLN B 5 14.13 -19.15 7.54
C GLN B 5 13.66 -17.88 6.79
N SER B 6 13.70 -17.95 5.46
CA SER B 6 13.34 -16.77 4.67
C SER B 6 11.84 -16.54 4.60
N GLY B 7 11.06 -17.54 4.97
CA GLY B 7 9.61 -17.43 4.99
C GLY B 7 9.10 -16.52 6.06
N ASP B 8 7.82 -16.12 5.87
CA ASP B 8 7.12 -15.32 6.84
C ASP B 8 6.98 -16.01 8.20
N LYS B 9 7.00 -15.23 9.27
CA LYS B 9 6.50 -15.69 10.53
C LYS B 9 5.06 -15.30 10.78
N ALA B 10 4.35 -16.04 11.62
CA ALA B 10 3.00 -15.65 12.02
C ALA B 10 3.03 -14.21 12.59
N GLY B 11 2.00 -13.43 12.31
CA GLY B 11 1.88 -12.04 12.82
C GLY B 11 1.32 -11.93 14.23
N SER B 12 1.02 -10.70 14.61
CA SER B 12 0.60 -10.38 15.97
C SER B 12 -0.89 -10.16 15.94
N THR B 13 -1.55 -10.75 16.93
CA THR B 13 -2.96 -10.63 17.09
C THR B 13 -3.31 -9.26 17.56
N VAL B 14 -4.03 -8.46 16.78
CA VAL B 14 -4.47 -7.11 17.15
C VAL B 14 -5.91 -7.03 17.53
N TYR B 15 -6.69 -8.06 17.24
CA TYR B 15 -8.08 -8.13 17.53
C TYR B 15 -8.41 -9.59 17.69
N SER B 16 -9.21 -9.93 18.70
CA SER B 16 -9.65 -11.33 18.80
C SER B 16 -10.93 -11.31 19.60
N ALA B 17 -12.00 -11.86 19.06
CA ALA B 17 -13.26 -11.93 19.85
C ALA B 17 -14.13 -13.00 19.24
N LYS B 18 -14.62 -13.95 20.05
CA LYS B 18 -15.67 -14.89 19.54
C LYS B 18 -15.17 -15.69 18.30
N GLY B 19 -13.98 -16.26 18.44
CA GLY B 19 -13.32 -17.04 17.40
C GLY B 19 -13.06 -16.31 16.06
N THR B 20 -13.31 -14.98 15.99
CA THR B 20 -12.82 -14.10 14.96
C THR B 20 -11.53 -13.31 15.41
N SER B 21 -10.48 -13.42 14.60
CA SER B 21 -9.20 -12.77 14.88
C SER B 21 -8.60 -12.04 13.68
N LEU B 22 -7.83 -11.00 13.98
CA LEU B 22 -7.04 -10.28 12.95
C LEU B 22 -5.60 -10.26 13.42
N GLU B 23 -4.69 -10.75 12.58
CA GLU B 23 -3.27 -10.70 12.78
C GLU B 23 -2.64 -9.77 11.82
N VAL B 24 -1.77 -8.84 12.25
CA VAL B 24 -0.97 -8.00 11.42
C VAL B 24 0.42 -8.51 11.51
N GLY B 25 0.99 -8.83 10.38
CA GLY B 25 2.28 -9.43 10.28
C GLY B 25 3.11 -8.81 9.21
N GLY B 26 4.25 -9.41 8.92
CA GLY B 26 5.15 -8.91 7.94
C GLY B 26 6.56 -8.74 8.50
N ARG B 27 7.31 -7.99 7.83
CA ARG B 27 8.71 -7.72 8.28
C ARG B 27 9.24 -6.41 7.79
N ALA B 28 10.29 -5.98 8.49
CA ALA B 28 11.19 -4.99 8.00
C ALA B 28 12.55 -5.64 7.95
N GLU B 29 13.02 -5.85 6.75
CA GLU B 29 14.20 -6.70 6.51
C GLU B 29 15.24 -5.87 5.78
N ALA B 30 16.27 -5.45 6.54
CA ALA B 30 17.40 -4.71 5.96
C ALA B 30 18.36 -5.72 5.34
N ARG B 31 18.72 -5.53 4.09
CA ARG B 31 19.58 -6.50 3.33
C ARG B 31 20.55 -5.77 2.51
N LEU B 32 21.86 -5.89 2.84
CA LEU B 32 22.93 -5.34 2.04
C LEU B 32 23.58 -6.47 1.21
N SER B 33 23.66 -6.29 -0.08
CA SER B 33 24.24 -7.23 -0.99
C SER B 33 25.53 -6.63 -1.47
N LEU B 34 26.61 -7.43 -1.40
CA LEU B 34 27.90 -6.98 -1.89
C LEU B 34 28.40 -7.99 -2.89
N LYS B 35 28.68 -7.47 -4.09
CA LYS B 35 29.25 -8.23 -5.23
C LYS B 35 30.39 -7.42 -5.78
N ASP B 36 31.57 -8.04 -5.93
CA ASP B 36 32.74 -7.34 -6.48
C ASP B 36 32.98 -6.04 -5.73
N GLY B 37 32.75 -6.10 -4.43
CA GLY B 37 32.91 -4.97 -3.57
C GLY B 37 31.88 -3.86 -3.64
N LYS B 38 30.81 -4.06 -4.40
CA LYS B 38 29.89 -2.98 -4.70
C LYS B 38 28.55 -3.32 -4.08
N ALA B 39 27.96 -2.32 -3.39
CA ALA B 39 26.77 -2.54 -2.55
C ALA B 39 25.48 -2.24 -3.24
N GLN B 40 24.53 -3.11 -2.96
CA GLN B 40 23.09 -2.88 -3.33
C GLN B 40 22.20 -3.08 -2.17
N ASP B 41 21.25 -2.16 -2.00
CA ASP B 41 20.25 -2.20 -0.98
C ASP B 41 19.13 -3.07 -1.49
N ASN B 42 19.04 -4.26 -0.93
CA ASN B 42 17.92 -5.17 -1.27
C ASN B 42 16.92 -5.28 -0.13
N SER B 43 16.86 -4.27 0.73
CA SER B 43 15.96 -4.25 1.83
C SER B 43 14.48 -4.36 1.39
N ARG B 44 13.63 -4.93 2.20
CA ARG B 44 12.20 -5.04 1.87
C ARG B 44 11.40 -4.98 3.07
N VAL B 45 10.21 -4.41 2.96
CA VAL B 45 9.25 -4.54 3.95
C VAL B 45 8.11 -5.42 3.40
N ARG B 46 7.53 -6.20 4.27
CA ARG B 46 6.21 -6.86 4.08
C ARG B 46 5.24 -6.42 5.09
N LEU B 47 3.96 -6.24 4.68
CA LEU B 47 2.87 -6.00 5.54
C LEU B 47 1.84 -7.00 5.21
N ASN B 48 1.31 -7.68 6.19
CA ASN B 48 0.24 -8.61 5.98
C ASN B 48 -0.84 -8.65 6.96
N PHE B 49 -2.02 -9.09 6.53
CA PHE B 49 -3.23 -9.03 7.32
C PHE B 49 -3.89 -10.36 7.11
N LEU B 50 -4.09 -11.11 8.20
CA LEU B 50 -4.73 -12.43 8.20
C LEU B 50 -5.91 -12.41 9.08
N GLY B 51 -7.09 -12.63 8.49
CA GLY B 51 -8.30 -12.70 9.19
C GLY B 51 -8.71 -14.14 9.24
N LYS B 52 -9.23 -14.55 10.41
CA LYS B 52 -9.82 -15.87 10.55
C LYS B 52 -11.08 -15.82 11.36
N ALA B 53 -12.14 -16.48 10.90
CA ALA B 53 -13.48 -16.51 11.50
C ALA B 53 -13.81 -17.97 11.71
N GLU B 54 -13.66 -18.41 12.94
CA GLU B 54 -14.19 -19.72 13.32
C GLU B 54 -15.69 -19.74 13.16
N ILE B 55 -16.18 -20.74 12.41
CA ILE B 55 -17.59 -20.86 12.16
C ILE B 55 -18.19 -21.92 13.08
N ASN B 56 -17.48 -23.01 13.23
CA ASN B 56 -17.75 -24.00 14.28
C ASN B 56 -16.45 -24.72 14.57
N ASP B 57 -16.52 -25.75 15.41
CA ASP B 57 -15.33 -26.57 15.68
C ASP B 57 -14.55 -27.06 14.45
N SER B 58 -15.24 -27.38 13.37
CA SER B 58 -14.68 -28.05 12.21
C SER B 58 -14.63 -27.17 10.93
N LEU B 59 -14.81 -25.87 11.07
CA LEU B 59 -15.10 -24.98 9.87
C LEU B 59 -14.66 -23.56 10.22
N TYR B 60 -13.96 -22.94 9.30
CA TYR B 60 -13.54 -21.54 9.47
C TYR B 60 -13.37 -20.90 8.08
N GLY B 61 -13.45 -19.58 8.09
CA GLY B 61 -13.04 -18.84 6.89
C GLY B 61 -11.78 -18.05 7.12
N VAL B 62 -11.12 -17.69 6.02
CA VAL B 62 -9.92 -16.96 6.10
C VAL B 62 -9.89 -15.93 4.97
N GLY B 63 -9.19 -14.85 5.29
CA GLY B 63 -8.83 -13.82 4.30
C GLY B 63 -7.37 -13.42 4.52
N PHE B 64 -6.61 -13.22 3.43
CA PHE B 64 -5.24 -12.85 3.53
C PHE B 64 -4.79 -11.92 2.45
N TYR B 65 -4.03 -10.93 2.91
CA TYR B 65 -3.29 -10.02 2.04
C TYR B 65 -1.83 -9.96 2.47
N GLU B 66 -0.93 -9.89 1.50
CA GLU B 66 0.43 -9.47 1.76
C GLU B 66 0.95 -8.64 0.70
N GLY B 67 1.53 -7.50 1.08
CA GLY B 67 2.29 -6.68 0.22
C GLY B 67 3.76 -6.61 0.56
N GLU B 68 4.52 -6.39 -0.43
CA GLU B 68 5.97 -6.14 -0.30
C GLU B 68 6.30 -4.77 -0.90
N PHE B 69 7.13 -4.01 -0.13
CA PHE B 69 7.46 -2.61 -0.39
C PHE B 69 8.97 -2.43 -0.40
N THR B 70 9.51 -1.76 -1.37
CA THR B 70 10.90 -1.53 -1.49
C THR B 70 11.24 -0.14 -1.93
N THR B 71 12.53 0.18 -1.89
CA THR B 71 13.00 1.49 -2.44
C THR B 71 14.09 1.25 -3.47
N ASN B 72 14.33 2.22 -4.35
CA ASN B 72 15.45 2.18 -5.27
C ASN B 72 15.91 3.60 -5.61
N ASP B 73 16.45 4.27 -4.59
CA ASP B 73 16.73 5.69 -4.67
C ASP B 73 17.85 6.02 -5.61
N GLN B 74 18.84 5.15 -5.72
CA GLN B 74 19.99 5.42 -6.59
C GLN B 74 20.64 6.75 -6.30
N GLY B 75 20.71 7.07 -5.01
CA GLY B 75 21.46 8.27 -4.64
C GLY B 75 20.69 9.55 -4.49
N LYS B 76 19.39 9.50 -4.83
CA LYS B 76 18.50 10.66 -4.58
C LYS B 76 17.44 10.37 -3.60
N ASN B 77 16.93 11.34 -2.87
CA ASN B 77 15.74 11.07 -2.11
C ASN B 77 14.50 10.99 -3.03
N ALA B 78 14.33 9.83 -3.59
CA ALA B 78 13.27 9.64 -4.64
C ALA B 78 11.94 9.28 -3.99
N SER B 79 10.89 9.47 -4.78
CA SER B 79 9.58 8.92 -4.45
CA SER B 79 9.59 8.91 -4.45
C SER B 79 9.66 7.45 -4.96
N ASN B 80 9.27 6.55 -4.13
CA ASN B 80 9.39 5.11 -4.40
C ASN B 80 8.07 4.42 -4.38
N ASN B 81 7.51 4.22 -5.59
CA ASN B 81 6.22 3.51 -5.73
C ASN B 81 6.49 2.11 -6.15
N SER B 82 6.96 1.33 -5.21
CA SER B 82 7.28 -0.06 -5.46
C SER B 82 6.47 -0.87 -4.51
N LEU B 83 5.48 -1.59 -5.07
CA LEU B 83 4.55 -2.40 -4.32
C LEU B 83 4.36 -3.72 -5.11
N ASP B 84 4.42 -4.82 -4.40
CA ASP B 84 3.99 -6.12 -4.99
C ASP B 84 2.96 -6.75 -4.11
N ASN B 85 1.70 -6.90 -4.60
CA ASN B 85 0.67 -7.61 -3.95
C ASN B 85 0.92 -9.10 -4.09
N ARG B 86 1.61 -9.65 -3.11
CA ARG B 86 2.10 -11.05 -3.22
C ARG B 86 0.98 -12.02 -3.08
N TYR B 87 0.02 -11.76 -2.22
CA TYR B 87 -1.08 -12.64 -1.89
C TYR B 87 -2.37 -11.85 -1.78
N THR B 88 -3.43 -12.35 -2.41
CA THR B 88 -4.76 -11.80 -2.28
C THR B 88 -5.73 -12.92 -2.37
N TYR B 89 -6.15 -13.45 -1.26
CA TYR B 89 -7.09 -14.58 -1.28
C TYR B 89 -8.08 -14.65 -0.14
N ALA B 90 -9.14 -15.44 -0.39
CA ALA B 90 -10.04 -15.82 0.70
C ALA B 90 -10.26 -17.31 0.54
N GLY B 91 -10.57 -17.96 1.64
CA GLY B 91 -10.79 -19.41 1.62
C GLY B 91 -11.67 -19.89 2.72
N ILE B 92 -11.92 -21.21 2.65
CA ILE B 92 -12.72 -21.89 3.65
C ILE B 92 -11.99 -23.17 4.02
N GLY B 93 -11.93 -23.48 5.27
CA GLY B 93 -11.20 -24.65 5.72
C GLY B 93 -11.92 -25.32 6.88
N GLY B 94 -11.34 -26.46 7.23
CA GLY B 94 -11.78 -27.26 8.42
C GLY B 94 -11.21 -28.66 8.31
N THR B 95 -11.99 -29.63 8.77
CA THR B 95 -11.61 -31.05 8.80
C THR B 95 -10.89 -31.55 7.57
N TYR B 96 -11.46 -31.29 6.40
CA TYR B 96 -10.98 -31.85 5.13
C TYR B 96 -9.93 -30.98 4.38
N GLY B 97 -9.42 -29.96 5.07
CA GLY B 97 -8.37 -29.09 4.54
C GLY B 97 -8.93 -27.68 4.32
N GLU B 98 -8.26 -26.97 3.42
CA GLU B 98 -8.58 -25.54 3.18
C GLU B 98 -8.47 -25.32 1.69
N VAL B 99 -9.43 -24.61 1.11
CA VAL B 99 -9.45 -24.27 -0.29
C VAL B 99 -9.56 -22.72 -0.42
N THR B 100 -8.77 -22.17 -1.29
CA THR B 100 -8.74 -20.70 -1.51
C THR B 100 -8.94 -20.40 -2.94
N TYR B 101 -9.33 -19.17 -3.27
CA TYR B 101 -9.21 -18.64 -4.61
C TYR B 101 -8.60 -17.21 -4.54
N GLY B 102 -7.85 -16.86 -5.57
CA GLY B 102 -7.08 -15.62 -5.60
C GLY B 102 -5.62 -15.92 -5.39
N LYS B 103 -4.77 -14.96 -5.57
CA LYS B 103 -3.35 -15.26 -5.61
C LYS B 103 -2.82 -15.86 -4.32
N ASN B 104 -2.33 -17.12 -4.46
CA ASN B 104 -1.92 -17.95 -3.37
C ASN B 104 -0.93 -18.99 -3.93
N ASP B 105 -0.24 -19.68 -2.99
CA ASP B 105 0.74 -20.73 -3.40
C ASP B 105 0.00 -21.93 -4.04
N GLY B 106 0.65 -22.43 -5.04
CA GLY B 106 0.42 -23.77 -5.60
C GLY B 106 1.18 -24.78 -4.79
N ALA B 107 1.26 -26.00 -5.37
CA ALA B 107 1.59 -27.12 -4.55
C ALA B 107 3.06 -27.40 -4.29
N LEU B 108 3.94 -26.82 -5.07
CA LEU B 108 5.36 -27.23 -5.04
C LEU B 108 6.25 -26.53 -4.04
N GLY B 109 5.80 -25.36 -3.54
CA GLY B 109 6.66 -24.71 -2.56
C GLY B 109 6.93 -25.52 -1.29
N VAL B 110 6.00 -26.34 -0.86
CA VAL B 110 6.28 -27.19 0.31
C VAL B 110 7.35 -28.24 -0.04
N ILE B 111 7.53 -28.51 -1.31
CA ILE B 111 8.59 -29.45 -1.69
C ILE B 111 9.88 -28.71 -1.76
N THR B 112 9.93 -27.51 -2.41
CA THR B 112 11.14 -26.72 -2.43
C THR B 112 11.57 -26.30 -1.02
N ASP B 113 10.64 -26.29 -0.08
CA ASP B 113 10.94 -25.95 1.26
C ASP B 113 11.85 -27.04 1.89
N PHE B 114 11.93 -28.24 1.27
CA PHE B 114 12.91 -29.21 1.85
C PHE B 114 14.31 -28.71 1.90
N THR B 115 14.76 -28.00 0.89
CA THR B 115 16.13 -27.48 0.88
C THR B 115 16.23 -25.94 0.98
N ASP B 116 15.07 -25.21 0.94
CA ASP B 116 15.10 -23.72 1.03
C ASP B 116 15.12 -23.24 2.46
N ILE B 117 16.28 -23.44 3.08
CA ILE B 117 16.48 -23.23 4.51
C ILE B 117 17.36 -22.09 4.88
N MET B 118 17.88 -21.36 3.91
CA MET B 118 18.80 -20.31 4.15
C MET B 118 18.08 -18.98 4.43
N SER B 119 18.78 -18.10 5.07
CA SER B 119 18.21 -16.74 5.29
C SER B 119 18.11 -15.90 4.05
N TYR B 120 19.01 -16.10 3.08
CA TYR B 120 19.14 -15.19 1.90
C TYR B 120 19.38 -15.99 0.66
N HIS B 121 20.36 -16.91 0.73
CA HIS B 121 20.77 -17.63 -0.47
C HIS B 121 20.00 -18.96 -0.59
N GLY B 122 20.45 -19.85 -1.45
CA GLY B 122 19.74 -21.10 -1.65
C GLY B 122 18.50 -20.94 -2.52
N ASN B 123 17.79 -22.06 -2.77
CA ASN B 123 16.59 -22.05 -3.62
C ASN B 123 16.91 -21.49 -4.98
N THR B 124 18.11 -21.80 -5.51
CA THR B 124 18.51 -21.36 -6.87
C THR B 124 18.49 -22.40 -7.99
N ALA B 125 18.18 -23.62 -7.62
CA ALA B 125 18.05 -24.68 -8.62
C ALA B 125 16.79 -25.52 -8.40
N ALA B 126 15.66 -24.86 -8.23
CA ALA B 126 14.42 -25.47 -7.95
C ALA B 126 13.22 -24.64 -8.54
N GLU B 127 13.37 -24.28 -9.80
CA GLU B 127 12.42 -23.46 -10.44
C GLU B 127 11.03 -24.02 -10.43
N LYS B 128 10.02 -23.19 -10.03
CA LYS B 128 8.64 -23.59 -9.95
C LYS B 128 7.90 -22.81 -11.04
N ILE B 129 7.10 -23.54 -11.83
CA ILE B 129 6.29 -22.89 -12.86
C ILE B 129 5.11 -22.22 -12.09
N ALA B 130 4.50 -21.26 -12.74
CA ALA B 130 3.55 -20.38 -12.02
C ALA B 130 2.47 -21.03 -11.24
N VAL B 131 1.72 -22.01 -11.83
CA VAL B 131 0.73 -22.73 -11.16
C VAL B 131 1.18 -23.49 -9.96
N ALA B 132 2.47 -23.88 -9.96
CA ALA B 132 3.09 -24.60 -8.83
C ALA B 132 3.69 -23.71 -7.75
N ASP B 133 3.82 -22.41 -8.05
CA ASP B 133 4.56 -21.42 -7.29
C ASP B 133 3.49 -20.59 -6.55
N ARG B 134 3.13 -19.47 -7.15
CA ARG B 134 2.12 -18.57 -6.56
C ARG B 134 1.60 -17.76 -7.77
N VAL B 135 0.26 -17.77 -7.97
CA VAL B 135 -0.30 -17.11 -9.14
C VAL B 135 -1.81 -16.98 -8.85
N ASP B 136 -2.41 -16.04 -9.57
CA ASP B 136 -3.85 -15.78 -9.39
C ASP B 136 -4.71 -16.56 -10.40
N ASN B 137 -6.01 -16.31 -10.34
CA ASN B 137 -7.01 -17.13 -11.12
C ASN B 137 -6.85 -18.58 -10.77
N MET B 138 -6.57 -18.90 -9.53
CA MET B 138 -6.25 -20.27 -9.14
C MET B 138 -7.01 -20.69 -7.90
N LEU B 139 -7.55 -21.93 -7.92
CA LEU B 139 -8.04 -22.58 -6.76
C LEU B 139 -6.92 -23.38 -6.13
N ALA B 140 -6.69 -23.21 -4.84
CA ALA B 140 -5.65 -23.89 -4.07
C ALA B 140 -6.22 -24.69 -2.98
N TYR B 141 -5.74 -25.95 -2.82
CA TYR B 141 -6.17 -26.86 -1.75
C TYR B 141 -4.92 -27.33 -0.93
N LYS B 142 -5.09 -27.45 0.37
CA LYS B 142 -4.12 -28.12 1.26
C LYS B 142 -4.84 -28.88 2.33
N GLY B 143 -4.25 -30.03 2.72
CA GLY B 143 -4.85 -30.81 3.76
C GLY B 143 -3.80 -31.72 4.36
N GLN B 144 -4.04 -32.10 5.62
CA GLN B 144 -3.15 -33.02 6.31
C GLN B 144 -4.04 -34.15 6.87
N PHE B 145 -3.60 -35.38 6.66
CA PHE B 145 -4.38 -36.56 7.05
C PHE B 145 -3.36 -37.45 7.69
N GLY B 146 -3.28 -37.38 9.02
CA GLY B 146 -2.24 -38.07 9.80
C GLY B 146 -0.84 -37.64 9.31
N ASP B 147 -0.07 -38.61 8.83
CA ASP B 147 1.33 -38.34 8.42
C ASP B 147 1.45 -37.98 6.92
N LEU B 148 0.34 -37.80 6.24
CA LEU B 148 0.30 -37.37 4.86
C LEU B 148 -0.22 -35.92 4.68
N GLY B 149 0.65 -35.07 4.13
CA GLY B 149 0.26 -33.69 3.71
C GLY B 149 0.02 -33.66 2.22
N VAL B 150 -1.08 -33.04 1.77
CA VAL B 150 -1.31 -32.93 0.34
CA VAL B 150 -1.41 -32.96 0.38
C VAL B 150 -1.65 -31.47 0.00
N LYS B 151 -1.23 -31.10 -1.18
CA LYS B 151 -1.58 -29.77 -1.76
C LYS B 151 -1.91 -29.97 -3.17
N ALA B 152 -2.84 -29.16 -3.70
CA ALA B 152 -3.12 -29.26 -5.08
C ALA B 152 -3.60 -27.86 -5.53
N SER B 153 -3.46 -27.58 -6.78
CA SER B 153 -4.06 -26.33 -7.33
C SER B 153 -4.51 -26.47 -8.75
N TYR B 154 -5.49 -25.67 -9.13
CA TYR B 154 -5.90 -25.59 -10.54
C TYR B 154 -6.08 -24.14 -10.94
N ARG B 155 -5.45 -23.75 -12.01
CA ARG B 155 -5.50 -22.42 -12.54
C ARG B 155 -6.34 -22.39 -13.77
N PHE B 156 -7.29 -21.46 -13.83
CA PHE B 156 -7.97 -21.20 -15.10
C PHE B 156 -7.21 -20.40 -16.07
N ALA B 157 -7.41 -20.63 -17.40
CA ALA B 157 -6.92 -19.72 -18.36
C ALA B 157 -7.57 -18.31 -18.17
N ASP B 158 -6.82 -17.27 -18.44
CA ASP B 158 -7.32 -15.87 -18.21
C ASP B 158 -8.12 -15.43 -19.41
N ARG B 159 -9.37 -15.06 -19.18
CA ARG B 159 -10.14 -14.45 -20.20
C ARG B 159 -9.56 -13.22 -20.82
N ASN B 160 -9.67 -13.05 -22.13
CA ASN B 160 -9.33 -11.82 -22.76
C ASN B 160 -10.38 -11.44 -23.78
N ALA B 161 -10.25 -10.28 -24.35
CA ALA B 161 -11.20 -9.81 -25.34
C ALA B 161 -10.41 -9.64 -26.68
N VAL B 162 -10.94 -10.21 -27.74
CA VAL B 162 -10.19 -10.18 -29.03
C VAL B 162 -11.05 -9.56 -30.15
N ASP B 163 -10.36 -9.01 -31.13
CA ASP B 163 -10.99 -8.63 -32.36
C ASP B 163 -11.40 -9.88 -33.22
N ALA B 164 -11.87 -9.66 -34.43
CA ALA B 164 -12.40 -10.77 -35.25
C ALA B 164 -11.26 -11.61 -35.89
N MET B 165 -10.03 -11.25 -35.61
CA MET B 165 -8.84 -12.02 -36.08
C MET B 165 -7.95 -12.43 -34.97
N GLY B 166 -8.49 -12.42 -33.72
CA GLY B 166 -7.75 -12.99 -32.64
C GLY B 166 -6.84 -12.12 -31.89
N ASN B 167 -6.72 -10.87 -32.25
CA ASN B 167 -5.86 -9.95 -31.58
C ASN B 167 -6.54 -9.41 -30.31
N VAL B 168 -5.77 -9.35 -29.21
CA VAL B 168 -6.28 -8.79 -27.97
C VAL B 168 -6.49 -7.33 -28.13
N VAL B 169 -7.68 -6.87 -27.77
CA VAL B 169 -8.07 -5.50 -27.85
C VAL B 169 -8.90 -5.14 -26.54
N THR B 170 -9.27 -3.88 -26.45
CA THR B 170 -10.07 -3.40 -25.34
C THR B 170 -11.51 -3.92 -25.60
N GLU B 171 -12.27 -4.22 -24.54
CA GLU B 171 -13.61 -4.78 -24.65
C GLU B 171 -14.51 -4.01 -25.57
N THR B 172 -14.48 -2.67 -25.51
CA THR B 172 -15.39 -1.85 -26.35
C THR B 172 -15.19 -2.08 -27.82
N ASN B 173 -13.97 -2.43 -28.21
CA ASN B 173 -13.63 -2.75 -29.61
C ASN B 173 -13.69 -4.24 -30.00
N ALA B 174 -14.01 -5.09 -29.04
CA ALA B 174 -13.80 -6.54 -29.20
C ALA B 174 -14.94 -7.18 -29.95
N ALA B 175 -14.63 -8.28 -30.61
CA ALA B 175 -15.63 -9.12 -31.33
C ALA B 175 -16.14 -10.21 -30.47
N LYS B 176 -15.32 -10.76 -29.56
CA LYS B 176 -15.62 -11.86 -28.73
C LYS B 176 -14.63 -12.01 -27.57
N TYR B 177 -14.99 -12.79 -26.59
CA TYR B 177 -14.07 -13.16 -25.52
C TYR B 177 -13.28 -14.37 -25.99
N SER B 178 -12.02 -14.39 -25.57
CA SER B 178 -11.18 -15.57 -25.71
C SER B 178 -10.44 -15.84 -24.43
N ASP B 179 -9.35 -16.59 -24.44
CA ASP B 179 -8.48 -16.72 -23.24
C ASP B 179 -7.05 -16.88 -23.71
N ASN B 180 -6.11 -16.82 -22.77
CA ASN B 180 -4.70 -16.81 -23.11
C ASN B 180 -4.09 -18.24 -23.04
N GLY B 181 -4.87 -19.27 -22.82
CA GLY B 181 -4.32 -20.63 -22.70
C GLY B 181 -3.49 -21.01 -21.46
N GLU B 182 -3.53 -20.15 -20.44
CA GLU B 182 -2.75 -20.35 -19.24
C GLU B 182 -3.42 -21.09 -18.15
N ASP B 183 -4.17 -22.16 -18.48
CA ASP B 183 -4.68 -23.05 -17.50
C ASP B 183 -3.60 -24.03 -17.04
N GLY B 184 -3.77 -24.58 -15.84
CA GLY B 184 -2.75 -25.49 -15.34
C GLY B 184 -3.11 -26.10 -14.04
N TYR B 185 -2.25 -27.00 -13.56
CA TYR B 185 -2.52 -27.67 -12.29
C TYR B 185 -1.22 -28.02 -11.59
N SER B 186 -1.30 -28.23 -10.29
CA SER B 186 -0.21 -28.74 -9.57
C SER B 186 -0.70 -29.66 -8.47
N LEU B 187 0.18 -30.60 -8.04
CA LEU B 187 -0.15 -31.57 -6.96
C LEU B 187 1.06 -31.95 -6.17
N SER B 188 0.98 -32.14 -4.84
CA SER B 188 2.11 -32.61 -4.11
C SER B 188 1.71 -33.34 -2.87
N ALA B 189 2.64 -34.21 -2.40
CA ALA B 189 2.42 -35.05 -1.23
C ALA B 189 3.67 -35.04 -0.42
N ILE B 190 3.53 -34.95 0.89
CA ILE B 190 4.60 -35.13 1.83
C ILE B 190 4.20 -36.22 2.82
N TYR B 191 5.04 -37.27 2.96
CA TYR B 191 4.79 -38.32 3.98
C TYR B 191 5.85 -38.18 5.04
N THR B 192 5.41 -38.02 6.29
CA THR B 192 6.22 -38.02 7.48
C THR B 192 6.28 -39.45 8.00
N PHE B 193 7.48 -39.98 8.17
CA PHE B 193 7.56 -41.39 8.67
C PHE B 193 7.52 -41.45 10.18
N GLY B 194 6.33 -41.35 10.73
CA GLY B 194 6.18 -41.59 12.15
C GLY B 194 7.07 -40.73 13.01
N ASP B 195 7.74 -41.35 13.99
CA ASP B 195 8.65 -40.64 14.91
C ASP B 195 10.14 -40.70 14.46
N THR B 196 10.40 -40.98 13.17
CA THR B 196 11.80 -41.24 12.74
C THR B 196 12.64 -40.00 12.46
N GLY B 197 11.97 -38.86 12.22
CA GLY B 197 12.60 -37.62 11.75
C GLY B 197 12.73 -37.48 10.23
N PHE B 198 12.32 -38.50 9.51
CA PHE B 198 12.39 -38.56 8.03
C PHE B 198 11.08 -38.13 7.40
N ASN B 199 11.20 -37.32 6.31
CA ASN B 199 10.08 -36.96 5.40
C ASN B 199 10.50 -37.22 3.95
N VAL B 200 9.55 -37.60 3.15
CA VAL B 200 9.74 -37.63 1.71
C VAL B 200 8.60 -36.81 1.09
N GLY B 201 8.92 -36.24 -0.04
CA GLY B 201 8.03 -35.37 -0.80
C GLY B 201 8.11 -35.59 -2.26
N ALA B 202 6.99 -35.42 -2.93
CA ALA B 202 6.94 -35.49 -4.40
C ALA B 202 5.82 -34.57 -4.92
N GLY B 203 5.96 -34.08 -6.14
CA GLY B 203 4.87 -33.37 -6.73
C GLY B 203 5.08 -33.18 -8.17
N TYR B 204 4.05 -32.63 -8.82
CA TYR B 204 4.18 -32.28 -10.22
CA TYR B 204 4.03 -32.43 -10.28
C TYR B 204 3.23 -31.17 -10.63
N ALA B 205 3.49 -30.60 -11.80
CA ALA B 205 2.73 -29.44 -12.34
C ALA B 205 2.85 -29.36 -13.81
N ASP B 206 1.82 -28.78 -14.38
CA ASP B 206 1.73 -28.54 -15.78
C ASP B 206 0.89 -27.29 -16.11
N GLN B 207 1.39 -26.51 -17.03
CA GLN B 207 0.79 -25.22 -17.45
C GLN B 207 1.28 -24.88 -18.82
N ASP B 208 0.35 -25.08 -19.78
CA ASP B 208 0.63 -24.84 -21.20
C ASP B 208 1.92 -25.63 -21.67
N ASP B 209 2.94 -24.95 -22.11
CA ASP B 209 4.17 -25.60 -22.59
C ASP B 209 5.23 -25.81 -21.49
N GLN B 210 4.80 -25.72 -20.22
CA GLN B 210 5.73 -25.93 -19.10
C GLN B 210 5.25 -27.09 -18.26
N ASN B 211 6.15 -27.90 -17.74
CA ASN B 211 5.81 -29.02 -16.85
C ASN B 211 7.03 -29.37 -15.99
N GLU B 212 6.78 -30.00 -14.86
CA GLU B 212 7.85 -30.44 -14.01
C GLU B 212 7.39 -31.38 -12.96
N TYR B 213 8.35 -32.15 -12.46
CA TYR B 213 8.15 -32.89 -11.20
C TYR B 213 9.32 -32.68 -10.30
N MET B 214 9.08 -32.96 -9.03
CA MET B 214 10.07 -32.84 -8.02
C MET B 214 9.98 -34.03 -7.04
N LEU B 215 11.16 -34.42 -6.54
CA LEU B 215 11.35 -35.47 -5.53
C LEU B 215 12.19 -34.93 -4.48
N ALA B 216 11.82 -35.18 -3.24
CA ALA B 216 12.61 -34.70 -2.14
C ALA B 216 12.64 -35.64 -0.93
N ALA B 217 13.66 -35.50 -0.11
CA ALA B 217 13.76 -36.18 1.18
C ALA B 217 14.48 -35.36 2.22
N SER B 218 14.13 -35.55 3.51
CA SER B 218 14.81 -34.82 4.55
C SER B 218 14.87 -35.65 5.85
N TYR B 219 15.87 -35.35 6.65
CA TYR B 219 16.04 -35.90 7.97
C TYR B 219 16.28 -34.82 8.96
N ARG B 220 15.51 -34.84 10.05
CA ARG B 220 15.69 -33.83 11.12
C ARG B 220 15.89 -34.54 12.43
N MET B 221 16.99 -34.29 13.12
CA MET B 221 17.18 -35.00 14.43
C MET B 221 18.08 -34.22 15.24
N GLU B 222 17.69 -33.88 16.48
CA GLU B 222 18.64 -33.35 17.51
C GLU B 222 19.51 -32.15 17.00
N ASN B 223 18.86 -31.03 16.65
CA ASN B 223 19.54 -29.80 16.19
C ASN B 223 20.30 -29.85 14.84
N LEU B 224 20.01 -30.88 14.09
CA LEU B 224 20.59 -31.10 12.78
C LEU B 224 19.53 -31.42 11.75
N TYR B 225 19.88 -31.06 10.51
CA TYR B 225 18.93 -31.22 9.41
C TYR B 225 19.64 -31.39 8.12
N PHE B 226 19.20 -32.33 7.33
CA PHE B 226 19.71 -32.58 6.01
C PHE B 226 18.62 -32.86 5.06
N ALA B 227 18.80 -32.43 3.81
CA ALA B 227 17.82 -32.67 2.80
C ALA B 227 18.35 -32.60 1.39
N GLY B 228 17.59 -33.23 0.49
CA GLY B 228 17.83 -33.22 -0.95
C GLY B 228 16.55 -33.01 -1.72
N LEU B 229 16.72 -32.45 -2.93
CA LEU B 229 15.67 -32.08 -3.83
C LEU B 229 16.14 -32.17 -5.26
N PHE B 230 15.30 -32.82 -6.02
CA PHE B 230 15.44 -32.94 -7.47
C PHE B 230 14.22 -32.46 -8.21
N THR B 231 14.48 -31.69 -9.29
CA THR B 231 13.46 -31.05 -10.14
C THR B 231 13.83 -31.37 -11.59
N ASP B 232 12.84 -31.78 -12.37
CA ASP B 232 13.05 -31.95 -13.79
C ASP B 232 11.81 -31.69 -14.55
N GLY B 233 12.03 -31.01 -15.67
CA GLY B 233 10.96 -30.75 -16.52
C GLY B 233 11.32 -29.90 -17.74
N GLU B 234 10.32 -29.15 -18.19
CA GLU B 234 10.45 -28.23 -19.34
C GLU B 234 9.95 -26.81 -19.01
N LEU B 235 10.80 -25.83 -19.29
CA LEU B 235 10.47 -24.41 -19.22
C LEU B 235 9.91 -23.84 -20.48
N ALA B 236 10.03 -24.57 -21.57
CA ALA B 236 9.37 -24.14 -22.83
C ALA B 236 9.47 -25.35 -23.70
N LYS B 237 8.83 -25.25 -24.86
CA LYS B 237 8.91 -26.28 -25.90
C LYS B 237 10.37 -26.53 -26.18
N ASP B 238 10.79 -27.79 -26.06
CA ASP B 238 12.18 -28.20 -26.27
C ASP B 238 13.24 -27.46 -25.44
N VAL B 239 12.87 -27.08 -24.21
CA VAL B 239 13.78 -26.37 -23.32
C VAL B 239 13.75 -27.12 -21.97
N ASP B 240 14.76 -27.94 -21.76
CA ASP B 240 14.76 -28.78 -20.58
C ASP B 240 15.30 -28.00 -19.42
N TYR B 241 14.95 -28.46 -18.22
CA TYR B 241 15.44 -27.93 -16.98
C TYR B 241 15.59 -29.06 -15.98
N THR B 242 16.77 -29.11 -15.40
CA THR B 242 17.06 -30.05 -14.32
C THR B 242 17.76 -29.32 -13.22
N GLY B 243 17.30 -29.57 -11.98
CA GLY B 243 17.97 -29.00 -10.85
C GLY B 243 18.12 -29.95 -9.72
N TYR B 244 19.19 -29.75 -9.01
CA TYR B 244 19.30 -30.35 -7.71
C TYR B 244 19.88 -29.53 -6.63
N GLU B 245 19.44 -29.87 -5.45
CA GLU B 245 19.81 -29.15 -4.26
C GLU B 245 20.01 -30.10 -3.11
N LEU B 246 21.08 -29.78 -2.37
CA LEU B 246 21.41 -30.37 -1.09
C LEU B 246 21.42 -29.27 -0.04
N ALA B 247 20.99 -29.60 1.15
CA ALA B 247 21.00 -28.68 2.29
C ALA B 247 21.37 -29.34 3.61
N ALA B 248 22.03 -28.59 4.44
CA ALA B 248 22.35 -28.99 5.82
C ALA B 248 22.19 -27.82 6.76
N GLY B 249 21.70 -28.12 7.95
CA GLY B 249 21.49 -27.10 8.95
C GLY B 249 21.96 -27.58 10.30
N TYR B 250 22.39 -26.65 11.14
CA TYR B 250 22.74 -26.97 12.54
C TYR B 250 22.27 -25.82 13.43
N LYS B 251 21.63 -26.12 14.53
CA LYS B 251 21.16 -25.12 15.47
C LYS B 251 21.96 -25.27 16.80
N LEU B 252 22.48 -24.17 17.29
CA LEU B 252 23.25 -24.10 18.53
C LEU B 252 22.72 -22.89 19.27
N GLY B 253 21.88 -23.13 20.26
CA GLY B 253 21.29 -22.08 21.10
C GLY B 253 20.30 -21.28 20.20
N GLN B 254 20.62 -19.99 20.10
CA GLN B 254 19.81 -19.05 19.36
C GLN B 254 20.39 -18.90 17.94
N ALA B 255 21.43 -19.63 17.56
CA ALA B 255 22.11 -19.49 16.27
C ALA B 255 21.78 -20.64 15.36
N ALA B 256 21.56 -20.37 14.07
CA ALA B 256 21.32 -21.40 13.09
C ALA B 256 22.30 -21.23 11.96
N PHE B 257 22.94 -22.32 11.54
CA PHE B 257 23.96 -22.31 10.50
C PHE B 257 23.53 -23.21 9.37
N THR B 258 23.56 -22.72 8.12
CA THR B 258 23.09 -23.57 7.03
C THR B 258 24.07 -23.51 5.90
N ALA B 259 24.10 -24.57 5.11
CA ALA B 259 24.82 -24.66 3.86
C ALA B 259 24.04 -25.37 2.81
N THR B 260 24.14 -24.89 1.56
CA THR B 260 23.41 -25.49 0.45
C THR B 260 24.30 -25.57 -0.76
N TYR B 261 24.12 -26.62 -1.50
CA TYR B 261 24.64 -26.70 -2.87
C TYR B 261 23.47 -26.77 -3.81
N ASN B 262 23.54 -25.94 -4.85
CA ASN B 262 22.47 -25.88 -5.83
C ASN B 262 23.08 -25.89 -7.21
N ASN B 263 22.55 -26.75 -8.06
CA ASN B 263 23.00 -26.85 -9.44
C ASN B 263 21.85 -27.09 -10.38
N ALA B 264 21.75 -26.21 -11.37
CA ALA B 264 20.71 -26.29 -12.36
C ALA B 264 21.27 -26.18 -13.72
N GLU B 265 20.55 -26.80 -14.62
CA GLU B 265 20.92 -26.86 -16.02
C GLU B 265 19.69 -26.50 -16.83
N THR B 266 19.82 -25.52 -17.74
CA THR B 266 18.70 -25.07 -18.57
C THR B 266 19.10 -25.32 -19.98
N ALA B 267 18.30 -26.05 -20.73
CA ALA B 267 18.68 -26.43 -22.14
C ALA B 267 20.07 -27.07 -22.21
N LYS B 268 20.35 -27.97 -21.26
CA LYS B 268 21.60 -28.70 -21.13
C LYS B 268 22.87 -27.87 -20.93
N LYS B 269 22.72 -26.63 -20.48
CA LYS B 269 23.84 -25.77 -20.13
C LYS B 269 23.66 -25.38 -18.65
N THR B 270 24.72 -25.50 -17.86
CA THR B 270 24.69 -25.13 -16.43
C THR B 270 24.28 -23.65 -16.30
N SER B 271 23.21 -23.38 -15.56
CA SER B 271 22.71 -22.02 -15.38
C SER B 271 22.77 -21.55 -13.94
N ALA B 272 22.95 -22.46 -12.98
CA ALA B 272 23.21 -22.09 -11.59
C ALA B 272 24.13 -23.21 -10.99
N ASP B 273 25.18 -22.76 -10.34
CA ASP B 273 26.11 -23.62 -9.64
C ASP B 273 26.64 -22.85 -8.45
N ASN B 274 25.99 -23.07 -7.32
CA ASN B 274 26.23 -22.30 -6.15
C ASN B 274 26.44 -23.11 -4.89
N PHE B 275 27.49 -22.77 -4.12
CA PHE B 275 27.66 -23.26 -2.79
C PHE B 275 27.55 -22.07 -1.84
N ALA B 276 26.57 -22.07 -0.93
CA ALA B 276 26.37 -20.99 0.04
C ALA B 276 26.38 -21.48 1.45
N ILE B 277 26.83 -20.61 2.33
CA ILE B 277 26.87 -20.83 3.73
C ILE B 277 26.33 -19.62 4.47
N ASP B 278 25.67 -19.82 5.57
CA ASP B 278 25.29 -18.66 6.39
C ASP B 278 25.19 -18.90 7.86
N ALA B 279 24.99 -17.82 8.59
CA ALA B 279 24.75 -17.83 10.02
C ALA B 279 23.70 -16.82 10.33
N THR B 280 22.70 -17.26 11.08
CA THR B 280 21.58 -16.42 11.54
C THR B 280 21.49 -16.49 13.03
N TYR B 281 21.39 -15.35 13.70
CA TYR B 281 21.27 -15.27 15.18
C TYR B 281 19.89 -14.71 15.53
N TYR B 282 19.09 -15.49 16.24
CA TYR B 282 17.77 -15.08 16.71
C TYR B 282 17.89 -14.42 18.10
N PHE B 283 18.05 -13.11 18.12
CA PHE B 283 18.01 -12.41 19.42
C PHE B 283 16.71 -12.62 20.15
N LYS B 284 15.59 -12.62 19.41
CA LYS B 284 14.30 -12.87 19.91
C LYS B 284 13.58 -13.64 18.72
N PRO B 285 12.46 -14.28 19.00
CA PRO B 285 11.83 -14.99 17.87
C PRO B 285 11.55 -14.06 16.68
N ASN B 286 11.31 -12.77 16.97
CA ASN B 286 11.02 -11.76 15.89
C ASN B 286 12.12 -10.74 15.57
N PHE B 287 13.34 -11.00 15.99
CA PHE B 287 14.45 -10.11 15.60
C PHE B 287 15.67 -10.96 15.43
N ARG B 288 16.28 -10.91 14.26
CA ARG B 288 17.39 -11.78 13.91
C ARG B 288 18.37 -11.01 13.07
N SER B 289 19.63 -11.44 13.06
CA SER B 289 20.61 -10.93 12.17
C SER B 289 21.19 -12.10 11.40
N TYR B 290 21.73 -11.81 10.24
CA TYR B 290 22.38 -12.85 9.47
C TYR B 290 23.45 -12.39 8.56
N ILE B 291 24.34 -13.34 8.19
CA ILE B 291 25.35 -13.11 7.26
C ILE B 291 25.53 -14.35 6.39
N SER B 292 25.72 -14.14 5.10
CA SER B 292 25.61 -15.22 4.12
C SER B 292 26.54 -15.03 3.00
N TYR B 293 27.18 -16.10 2.51
CA TYR B 293 28.13 -15.98 1.40
C TYR B 293 27.87 -17.02 0.40
N GLN B 294 27.73 -16.61 -0.88
CA GLN B 294 27.47 -17.49 -1.99
C GLN B 294 28.68 -17.55 -2.88
N PHE B 295 29.32 -18.72 -2.86
CA PHE B 295 30.36 -19.00 -3.86
C PHE B 295 29.67 -19.38 -5.14
N ASN B 296 29.83 -18.59 -6.18
CA ASN B 296 29.27 -18.82 -7.47
C ASN B 296 30.27 -19.55 -8.35
N LEU B 297 29.99 -20.82 -8.63
CA LEU B 297 30.99 -21.70 -9.23
C LEU B 297 30.87 -21.74 -10.74
N LEU B 298 30.09 -20.86 -11.36
CA LEU B 298 29.89 -21.01 -12.77
C LEU B 298 31.15 -20.87 -13.68
N ASP B 299 31.94 -19.83 -13.47
CA ASP B 299 32.80 -19.30 -14.60
C ASP B 299 32.41 -19.83 -15.98
N ALA B 303 27.83 -17.63 -18.29
CA ALA B 303 29.28 -17.71 -18.05
C ALA B 303 29.96 -16.32 -17.96
N SER B 304 29.20 -15.23 -17.97
CA SER B 304 29.80 -13.86 -17.98
C SER B 304 30.44 -13.53 -16.62
N LYS B 305 31.40 -12.60 -16.59
CA LYS B 305 32.00 -12.18 -15.31
C LYS B 305 30.90 -11.85 -14.29
N VAL B 306 29.92 -11.05 -14.72
CA VAL B 306 28.82 -10.67 -13.84
CA VAL B 306 28.82 -10.66 -13.89
C VAL B 306 28.02 -11.88 -13.37
N ALA B 307 27.70 -12.79 -14.29
CA ALA B 307 26.90 -13.97 -14.01
C ALA B 307 27.62 -14.95 -13.06
N SER B 308 28.93 -14.83 -12.96
CA SER B 308 29.71 -15.73 -12.12
C SER B 308 30.22 -15.13 -10.79
N GLU B 309 29.79 -13.92 -10.41
CA GLU B 309 30.30 -13.23 -9.23
C GLU B 309 29.71 -13.78 -7.99
N ASP B 310 30.52 -13.85 -6.93
CA ASP B 310 30.08 -14.28 -5.66
C ASP B 310 29.29 -13.16 -5.03
N GLU B 311 28.61 -13.50 -3.94
CA GLU B 311 27.84 -12.48 -3.19
C GLU B 311 27.93 -12.67 -1.71
N LEU B 312 28.21 -11.62 -0.99
CA LEU B 312 28.04 -11.58 0.45
C LEU B 312 26.74 -10.84 0.80
N ALA B 313 25.94 -11.36 1.70
CA ALA B 313 24.75 -10.62 2.14
C ALA B 313 24.80 -10.49 3.62
N ILE B 314 24.36 -9.33 4.16
CA ILE B 314 24.24 -9.12 5.55
C ILE B 314 22.79 -8.64 5.75
N GLY B 315 22.13 -9.18 6.72
CA GLY B 315 20.75 -8.83 7.02
C GLY B 315 20.43 -8.55 8.43
N LEU B 316 19.39 -7.78 8.67
CA LEU B 316 18.81 -7.61 9.96
C LEU B 316 17.33 -7.63 9.70
N ARG B 317 16.61 -8.49 10.36
CA ARG B 317 15.14 -8.76 10.13
C ARG B 317 14.31 -8.66 11.32
N TYR B 318 13.33 -7.74 11.31
CA TYR B 318 12.37 -7.58 12.31
C TYR B 318 11.05 -8.14 11.77
N ASP B 319 10.48 -9.04 12.49
CA ASP B 319 9.10 -9.59 12.15
C ASP B 319 8.04 -8.94 12.97
N PHE B 320 7.07 -8.38 12.24
CA PHE B 320 5.94 -7.75 12.90
C PHE B 320 5.00 -8.76 13.52
N ASP C 1 -22.48 -2.13 3.71
CA ASP C 1 -22.91 -2.87 4.94
C ASP C 1 -24.43 -3.08 4.83
N GLY C 2 -24.87 -4.09 5.60
CA GLY C 2 -26.26 -4.37 5.73
C GLY C 2 -26.86 -4.76 4.37
N ILE C 3 -27.89 -4.06 3.98
CA ILE C 3 -28.54 -4.38 2.76
C ILE C 3 -27.67 -4.04 1.53
N ASN C 4 -26.74 -3.10 1.72
CA ASN C 4 -25.82 -2.78 0.60
C ASN C 4 -24.63 -3.74 0.77
N GLN C 5 -24.88 -4.95 0.28
CA GLN C 5 -24.01 -6.08 0.57
C GLN C 5 -22.56 -5.90 0.04
N SER C 6 -22.41 -5.20 -1.06
CA SER C 6 -21.04 -5.02 -1.67
C SER C 6 -20.28 -3.91 -0.92
N GLY C 7 -20.95 -3.11 -0.11
CA GLY C 7 -20.24 -2.10 0.63
C GLY C 7 -19.43 -2.59 1.77
N ASP C 8 -18.51 -1.74 2.23
CA ASP C 8 -17.61 -2.11 3.30
C ASP C 8 -18.40 -2.39 4.63
N LYS C 9 -17.85 -3.27 5.45
CA LYS C 9 -18.31 -3.45 6.87
C LYS C 9 -17.44 -2.61 7.79
N ALA C 10 -17.94 -2.15 8.94
CA ALA C 10 -17.08 -1.54 9.92
C ALA C 10 -15.93 -2.43 10.27
N GLY C 11 -14.80 -1.77 10.54
CA GLY C 11 -13.59 -2.41 10.88
C GLY C 11 -13.54 -2.85 12.38
N SER C 12 -12.41 -3.39 12.72
CA SER C 12 -12.14 -3.90 14.07
C SER C 12 -11.41 -2.86 14.86
N THR C 13 -11.86 -2.61 16.10
CA THR C 13 -11.17 -1.62 16.93
C THR C 13 -9.89 -2.26 17.41
N VAL C 14 -8.74 -1.71 17.09
CA VAL C 14 -7.43 -2.19 17.54
C VAL C 14 -6.77 -1.36 18.65
N TYR C 15 -7.30 -0.18 18.85
CA TYR C 15 -6.81 0.77 19.84
C TYR C 15 -7.93 1.65 20.29
N SER C 16 -8.08 1.82 21.61
CA SER C 16 -9.11 2.67 22.13
C SER C 16 -8.63 3.20 23.48
N ALA C 17 -8.19 4.42 23.52
CA ALA C 17 -7.71 5.02 24.81
C ALA C 17 -7.65 6.51 24.70
N LYS C 18 -7.77 7.24 25.82
CA LYS C 18 -7.51 8.70 25.77
C LYS C 18 -8.41 9.45 24.80
N GLY C 19 -9.60 8.96 24.63
CA GLY C 19 -10.55 9.59 23.70
C GLY C 19 -10.26 9.31 22.20
N THR C 20 -9.26 8.45 21.90
CA THR C 20 -8.77 8.14 20.50
C THR C 20 -9.21 6.69 20.22
N SER C 21 -9.63 6.37 19.00
CA SER C 21 -9.83 4.99 18.61
C SER C 21 -9.22 4.78 17.20
N LEU C 22 -8.73 3.60 16.96
CA LEU C 22 -8.19 3.19 15.61
C LEU C 22 -8.95 1.93 15.27
N GLU C 23 -9.54 1.91 14.08
CA GLU C 23 -10.26 0.72 13.53
C GLU C 23 -9.58 0.31 12.24
N VAL C 24 -9.22 -0.96 12.11
CA VAL C 24 -8.60 -1.47 10.89
C VAL C 24 -9.65 -2.33 10.27
N GLY C 25 -9.97 -2.07 9.01
CA GLY C 25 -10.98 -2.80 8.32
C GLY C 25 -10.55 -3.08 6.87
N GLY C 26 -11.52 -3.55 6.09
CA GLY C 26 -11.24 -3.92 4.73
C GLY C 26 -11.76 -5.32 4.47
N ARG C 27 -11.23 -5.90 3.42
CA ARG C 27 -11.69 -7.21 2.98
C ARG C 27 -10.65 -7.93 2.17
N ALA C 28 -10.83 -9.28 2.12
CA ALA C 28 -10.16 -10.06 1.14
C ALA C 28 -11.28 -10.80 0.47
N GLU C 29 -11.49 -10.46 -0.79
CA GLU C 29 -12.71 -10.88 -1.47
C GLU C 29 -12.28 -11.58 -2.76
N ALA C 30 -12.37 -12.91 -2.76
CA ALA C 30 -12.12 -13.78 -3.90
C ALA C 30 -13.30 -13.76 -4.85
N ARG C 31 -13.08 -13.41 -6.11
CA ARG C 31 -14.14 -13.23 -7.06
C ARG C 31 -13.76 -13.84 -8.42
N LEU C 32 -14.49 -14.91 -8.82
CA LEU C 32 -14.32 -15.56 -10.16
C LEU C 32 -15.45 -15.10 -11.02
N SER C 33 -15.12 -14.48 -12.13
CA SER C 33 -16.02 -14.03 -13.16
C SER C 33 -15.94 -14.99 -14.37
N LEU C 34 -17.08 -15.50 -14.82
CA LEU C 34 -17.18 -16.37 -15.99
C LEU C 34 -18.08 -15.73 -17.05
N LYS C 35 -17.53 -15.40 -18.24
CA LYS C 35 -18.26 -14.83 -19.34
C LYS C 35 -17.92 -15.70 -20.56
N ASP C 36 -18.97 -16.20 -21.23
CA ASP C 36 -18.76 -17.15 -22.39
C ASP C 36 -17.84 -18.25 -22.04
N GLY C 37 -17.94 -18.77 -20.83
CA GLY C 37 -17.15 -19.82 -20.31
C GLY C 37 -15.69 -19.55 -19.94
N LYS C 38 -15.32 -18.28 -19.96
CA LYS C 38 -13.93 -17.85 -19.83
C LYS C 38 -13.79 -17.10 -18.46
N ALA C 39 -12.76 -17.48 -17.70
CA ALA C 39 -12.57 -17.07 -16.27
C ALA C 39 -11.66 -15.90 -16.14
N GLN C 40 -12.09 -14.93 -15.36
CA GLN C 40 -11.23 -13.75 -14.99
C GLN C 40 -11.23 -13.69 -13.44
N ASP C 41 -10.05 -13.47 -12.89
CA ASP C 41 -9.89 -13.25 -11.48
C ASP C 41 -10.12 -11.79 -11.15
N ASN C 42 -11.28 -11.52 -10.58
CA ASN C 42 -11.65 -10.18 -10.14
C ASN C 42 -11.51 -9.99 -8.65
N SER C 43 -10.69 -10.80 -8.00
CA SER C 43 -10.46 -10.72 -6.54
C SER C 43 -9.88 -9.37 -6.19
N ARG C 44 -10.15 -8.92 -4.97
CA ARG C 44 -9.62 -7.64 -4.50
C ARG C 44 -9.51 -7.71 -3.00
N VAL C 45 -8.51 -6.99 -2.52
CA VAL C 45 -8.29 -6.71 -1.10
C VAL C 45 -8.56 -5.22 -0.87
N ARG C 46 -9.26 -4.90 0.24
CA ARG C 46 -9.19 -3.54 0.74
C ARG C 46 -8.56 -3.54 2.14
N LEU C 47 -7.82 -2.46 2.41
CA LEU C 47 -7.34 -2.20 3.75
C LEU C 47 -7.75 -0.79 4.09
N ASN C 48 -8.34 -0.60 5.28
CA ASN C 48 -8.71 0.71 5.69
C ASN C 48 -8.38 0.96 7.15
N PHE C 49 -8.23 2.25 7.42
CA PHE C 49 -7.78 2.77 8.73
C PHE C 49 -8.67 3.97 9.08
N LEU C 50 -9.44 3.85 10.15
CA LEU C 50 -10.38 4.90 10.61
C LEU C 50 -9.96 5.30 12.01
N GLY C 51 -9.59 6.58 12.14
CA GLY C 51 -9.22 7.23 13.39
C GLY C 51 -10.31 8.16 13.80
N LYS C 52 -10.66 8.12 15.12
CA LYS C 52 -11.65 9.11 15.68
C LYS C 52 -11.11 9.64 16.98
N ALA C 53 -11.12 10.95 17.13
CA ALA C 53 -10.67 11.62 18.40
C ALA C 53 -11.85 12.34 18.97
N GLU C 54 -12.30 11.95 20.16
CA GLU C 54 -13.42 12.65 20.80
C GLU C 54 -12.87 13.93 21.38
N ILE C 55 -13.48 15.05 21.04
CA ILE C 55 -13.02 16.32 21.49
C ILE C 55 -13.87 16.66 22.75
N ASN C 56 -15.18 16.64 22.57
CA ASN C 56 -16.08 16.75 23.71
C ASN C 56 -17.30 15.94 23.34
N ASP C 57 -18.35 15.98 24.14
CA ASP C 57 -19.43 15.09 23.84
C ASP C 57 -20.27 15.45 22.58
N SER C 58 -20.06 16.63 22.00
CA SER C 58 -20.74 17.01 20.77
C SER C 58 -19.73 17.38 19.63
N LEU C 59 -18.48 16.98 19.78
CA LEU C 59 -17.50 17.28 18.79
C LEU C 59 -16.45 16.18 18.68
N TYR C 60 -16.05 15.82 17.41
CA TYR C 60 -14.99 14.82 17.27
C TYR C 60 -14.21 15.11 15.92
N GLY C 61 -13.01 14.57 15.83
CA GLY C 61 -12.24 14.59 14.57
C GLY C 61 -12.09 13.18 14.03
N VAL C 62 -11.90 13.10 12.71
CA VAL C 62 -11.81 11.79 12.06
C VAL C 62 -10.76 11.86 10.97
N GLY C 63 -10.10 10.71 10.75
CA GLY C 63 -9.13 10.56 9.62
C GLY C 63 -9.45 9.19 9.01
N PHE C 64 -9.41 9.13 7.69
CA PHE C 64 -9.75 7.84 7.05
C PHE C 64 -8.93 7.61 5.84
N TYR C 65 -8.41 6.38 5.67
CA TYR C 65 -7.78 5.93 4.46
C TYR C 65 -8.32 4.57 4.05
N GLU C 66 -8.52 4.40 2.74
CA GLU C 66 -8.83 3.07 2.20
C GLU C 66 -8.11 2.83 0.96
N GLY C 67 -7.43 1.70 0.87
CA GLY C 67 -6.78 1.26 -0.36
C GLY C 67 -7.35 -0.06 -0.88
N GLU C 68 -7.36 -0.16 -2.20
CA GLU C 68 -7.76 -1.44 -2.85
C GLU C 68 -6.56 -1.96 -3.64
N PHE C 69 -6.39 -3.27 -3.49
CA PHE C 69 -5.21 -3.98 -3.98
C PHE C 69 -5.63 -5.24 -4.78
N THR C 70 -5.09 -5.35 -5.97
CA THR C 70 -5.49 -6.46 -6.90
C THR C 70 -4.23 -7.06 -7.53
N THR C 71 -4.44 -8.19 -8.22
CA THR C 71 -3.39 -8.82 -9.04
C THR C 71 -3.86 -8.96 -10.46
N ASN C 72 -2.92 -9.10 -11.39
CA ASN C 72 -3.25 -9.37 -12.78
C ASN C 72 -2.10 -10.18 -13.43
N ASP C 73 -1.97 -11.40 -12.92
CA ASP C 73 -0.79 -12.26 -13.26
C ASP C 73 -0.74 -12.67 -14.72
N GLN C 74 -1.91 -12.91 -15.29
CA GLN C 74 -2.00 -13.36 -16.69
C GLN C 74 -1.10 -14.59 -16.90
N GLY C 75 -1.05 -15.46 -15.92
CA GLY C 75 -0.34 -16.73 -16.04
C GLY C 75 1.10 -16.78 -15.60
N LYS C 76 1.66 -15.68 -15.12
CA LYS C 76 3.02 -15.63 -14.60
C LYS C 76 2.98 -15.21 -13.15
N ASN C 77 3.92 -15.65 -12.31
CA ASN C 77 3.98 -15.10 -10.94
C ASN C 77 4.57 -13.73 -11.07
N ALA C 78 3.73 -12.73 -11.31
CA ALA C 78 4.14 -11.42 -11.66
C ALA C 78 4.29 -10.60 -10.41
N SER C 79 5.04 -9.49 -10.58
CA SER C 79 5.04 -8.47 -9.54
C SER C 79 3.80 -7.55 -9.81
N ASN C 80 2.94 -7.39 -8.82
CA ASN C 80 1.66 -6.70 -8.99
C ASN C 80 1.58 -5.38 -8.21
N ASN C 81 1.80 -4.30 -8.90
CA ASN C 81 1.75 -2.97 -8.27
C ASN C 81 0.40 -2.38 -8.66
N SER C 82 -0.64 -2.89 -8.11
CA SER C 82 -1.98 -2.38 -8.35
C SER C 82 -2.57 -1.90 -7.06
N LEU C 83 -2.68 -0.57 -6.94
CA LEU C 83 -3.16 0.13 -5.74
C LEU C 83 -4.13 1.19 -6.23
N ASP C 84 -5.27 1.31 -5.54
CA ASP C 84 -6.15 2.44 -5.73
C ASP C 84 -6.44 3.01 -4.35
N ASN C 85 -5.99 4.27 -4.18
CA ASN C 85 -6.27 5.03 -2.90
C ASN C 85 -7.71 5.55 -2.98
N ARG C 86 -8.65 4.74 -2.57
CA ARG C 86 -10.08 4.99 -2.70
C ARG C 86 -10.57 6.19 -1.92
N TYR C 87 -10.05 6.30 -0.71
CA TYR C 87 -10.44 7.43 0.22
C TYR C 87 -9.20 7.97 0.90
N THR C 88 -9.08 9.28 1.00
CA THR C 88 -8.02 9.94 1.79
C THR C 88 -8.65 11.23 2.31
N TYR C 89 -9.12 11.23 3.53
CA TYR C 89 -9.76 12.38 4.05
C TYR C 89 -9.54 12.57 5.52
N ALA C 90 -9.78 13.83 5.96
CA ALA C 90 -9.95 14.17 7.36
C ALA C 90 -11.17 15.00 7.53
N GLY C 91 -11.75 14.95 8.72
CA GLY C 91 -13.01 15.67 8.90
C GLY C 91 -13.24 16.05 10.38
N ILE C 92 -14.29 16.84 10.58
CA ILE C 92 -14.69 17.22 11.93
C ILE C 92 -16.19 17.04 11.97
N GLY C 93 -16.69 16.51 13.06
CA GLY C 93 -18.05 16.19 13.15
C GLY C 93 -18.60 16.45 14.55
N GLY C 94 -19.90 16.26 14.69
CA GLY C 94 -20.58 16.53 15.99
C GLY C 94 -22.05 16.63 15.77
N THR C 95 -22.75 17.32 16.70
CA THR C 95 -24.22 17.44 16.64
C THR C 95 -24.78 17.84 15.28
N TYR C 96 -24.07 18.72 14.58
CA TYR C 96 -24.61 19.29 13.35
C TYR C 96 -24.12 18.52 12.09
N GLY C 97 -23.53 17.35 12.30
CA GLY C 97 -23.09 16.44 11.15
C GLY C 97 -21.59 16.40 11.03
N GLU C 98 -21.05 16.00 9.85
CA GLU C 98 -19.64 15.81 9.68
C GLU C 98 -19.25 16.43 8.39
N VAL C 99 -18.13 17.15 8.38
CA VAL C 99 -17.61 17.68 7.14
C VAL C 99 -16.19 17.24 6.96
N THR C 100 -15.88 16.88 5.70
CA THR C 100 -14.55 16.40 5.35
C THR C 100 -13.97 17.12 4.17
N TYR C 101 -12.68 16.99 3.99
CA TYR C 101 -11.98 17.42 2.79
C TYR C 101 -11.01 16.28 2.39
N GLY C 102 -10.91 16.05 1.09
CA GLY C 102 -10.02 15.05 0.52
C GLY C 102 -10.92 14.05 -0.16
N LYS C 103 -10.41 13.01 -0.76
CA LYS C 103 -11.29 12.13 -1.51
C LYS C 103 -12.25 11.35 -0.62
N ASN C 104 -13.53 11.52 -0.84
CA ASN C 104 -14.61 11.03 -0.04
C ASN C 104 -15.87 11.02 -0.94
N ASP C 105 -16.92 10.36 -0.44
CA ASP C 105 -18.13 10.27 -1.17
C ASP C 105 -18.90 11.59 -1.22
N GLY C 106 -19.47 11.84 -2.35
CA GLY C 106 -20.51 12.87 -2.54
C GLY C 106 -21.88 12.31 -2.12
N ALA C 107 -22.92 13.04 -2.57
CA ALA C 107 -24.23 12.83 -1.95
C ALA C 107 -25.09 11.78 -2.50
N LEU C 108 -24.78 11.24 -3.73
CA LEU C 108 -25.75 10.37 -4.37
C LEU C 108 -25.57 8.89 -4.13
N GLY C 109 -24.47 8.44 -3.53
CA GLY C 109 -24.28 7.04 -3.24
C GLY C 109 -25.35 6.49 -2.30
N VAL C 110 -25.78 7.31 -1.33
CA VAL C 110 -26.85 6.85 -0.44
C VAL C 110 -28.21 6.73 -1.13
N ILE C 111 -28.35 7.39 -2.28
CA ILE C 111 -29.53 7.24 -3.11
C ILE C 111 -29.42 6.01 -3.99
N THR C 112 -28.24 5.84 -4.62
CA THR C 112 -28.04 4.57 -5.37
C THR C 112 -28.08 3.28 -4.50
N ASP C 113 -27.80 3.45 -3.21
CA ASP C 113 -27.86 2.42 -2.22
C ASP C 113 -29.31 1.84 -2.10
N PHE C 114 -30.32 2.57 -2.56
CA PHE C 114 -31.69 2.02 -2.44
C PHE C 114 -31.80 0.69 -3.26
N THR C 115 -31.13 0.62 -4.42
CA THR C 115 -31.24 -0.55 -5.28
C THR C 115 -29.92 -1.31 -5.43
N ASP C 116 -28.84 -0.75 -4.90
CA ASP C 116 -27.51 -1.42 -4.96
C ASP C 116 -27.35 -2.39 -3.80
N ILE C 117 -28.06 -3.54 -3.92
CA ILE C 117 -28.17 -4.50 -2.80
C ILE C 117 -27.56 -5.84 -3.09
N MET C 118 -26.99 -6.03 -4.31
CA MET C 118 -26.46 -7.34 -4.66
C MET C 118 -25.01 -7.49 -4.21
N SER C 119 -24.53 -8.71 -4.13
CA SER C 119 -23.14 -8.91 -3.75
C SER C 119 -22.14 -8.53 -4.83
N TYR C 120 -22.52 -8.64 -6.11
CA TYR C 120 -21.59 -8.42 -7.24
C TYR C 120 -22.21 -7.65 -8.42
N HIS C 121 -23.46 -7.97 -8.76
CA HIS C 121 -24.13 -7.38 -9.87
C HIS C 121 -25.00 -6.17 -9.41
N GLY C 122 -25.92 -5.71 -10.26
CA GLY C 122 -26.68 -4.49 -9.97
C GLY C 122 -25.87 -3.23 -10.02
N ASN C 123 -26.54 -2.11 -9.76
CA ASN C 123 -25.94 -0.80 -9.87
C ASN C 123 -25.37 -0.49 -11.23
N THR C 124 -26.05 -0.99 -12.25
CA THR C 124 -25.65 -0.77 -13.64
C THR C 124 -26.40 0.30 -14.38
N ALA C 125 -27.46 0.87 -13.82
CA ALA C 125 -28.22 1.90 -14.49
C ALA C 125 -28.47 3.05 -13.56
N ALA C 126 -27.44 3.49 -12.84
CA ALA C 126 -27.54 4.60 -11.92
C ALA C 126 -26.22 5.39 -11.87
N GLU C 127 -25.74 5.78 -13.05
CA GLU C 127 -24.43 6.37 -13.11
C GLU C 127 -24.41 7.65 -12.28
N LYS C 128 -23.31 7.84 -11.54
CA LYS C 128 -23.08 9.02 -10.72
C LYS C 128 -21.95 9.79 -11.29
N ILE C 129 -22.17 11.07 -11.50
CA ILE C 129 -21.10 11.96 -11.91
C ILE C 129 -20.12 12.13 -10.73
N ALA C 130 -18.90 12.55 -11.07
CA ALA C 130 -17.83 12.47 -10.09
C ALA C 130 -18.09 13.12 -8.73
N VAL C 131 -18.61 14.37 -8.75
CA VAL C 131 -18.89 15.09 -7.52
C VAL C 131 -19.98 14.44 -6.65
N ALA C 132 -20.82 13.67 -7.30
CA ALA C 132 -21.90 12.93 -6.62
C ALA C 132 -21.46 11.58 -6.08
N ASP C 133 -20.33 11.10 -6.59
CA ASP C 133 -19.80 9.75 -6.44
C ASP C 133 -18.76 9.75 -5.33
N ARG C 134 -17.48 9.86 -5.76
CA ARG C 134 -16.38 9.94 -4.82
C ARG C 134 -15.27 10.57 -5.58
N VAL C 135 -14.71 11.64 -5.08
CA VAL C 135 -13.70 12.45 -5.83
C VAL C 135 -13.01 13.35 -4.81
N ASP C 136 -11.82 13.76 -5.22
CA ASP C 136 -10.98 14.65 -4.38
C ASP C 136 -11.23 16.14 -4.69
N ASN C 137 -10.48 16.98 -3.99
CA ASN C 137 -10.67 18.42 -4.04
C ASN C 137 -12.07 18.81 -3.68
N MET C 138 -12.66 18.12 -2.70
CA MET C 138 -14.11 18.23 -2.43
C MET C 138 -14.37 18.29 -0.98
N LEU C 139 -15.23 19.24 -0.58
CA LEU C 139 -15.74 19.31 0.75
C LEU C 139 -17.00 18.46 0.75
N ALA C 140 -17.11 17.57 1.70
CA ALA C 140 -18.28 16.68 1.75
C ALA C 140 -18.92 16.77 3.11
N TYR C 141 -20.26 16.87 3.11
CA TYR C 141 -21.05 17.03 4.36
C TYR C 141 -22.04 15.91 4.44
N LYS C 142 -22.25 15.41 5.65
CA LYS C 142 -23.32 14.45 5.93
C LYS C 142 -23.91 14.74 7.35
N GLY C 143 -25.24 14.64 7.47
CA GLY C 143 -25.88 14.90 8.75
C GLY C 143 -27.10 14.01 8.85
N GLN C 144 -27.44 13.62 10.06
CA GLN C 144 -28.64 12.81 10.27
C GLN C 144 -29.36 13.53 11.41
N PHE C 145 -30.60 13.95 11.17
CA PHE C 145 -31.40 14.71 12.15
C PHE C 145 -32.72 13.92 12.27
N GLY C 146 -32.77 13.07 13.28
CA GLY C 146 -33.95 12.17 13.48
C GLY C 146 -34.02 11.22 12.30
N ASP C 147 -35.16 11.30 11.59
CA ASP C 147 -35.41 10.42 10.48
C ASP C 147 -34.96 11.02 9.14
N LEU C 148 -34.37 12.20 9.16
CA LEU C 148 -33.89 12.86 7.97
C LEU C 148 -32.36 12.69 7.81
N GLY C 149 -31.91 12.10 6.70
CA GLY C 149 -30.47 12.14 6.39
C GLY C 149 -30.19 13.02 5.21
N VAL C 150 -29.20 13.90 5.36
CA VAL C 150 -28.87 14.89 4.37
C VAL C 150 -27.36 14.74 4.05
N LYS C 151 -27.03 14.92 2.78
CA LYS C 151 -25.66 15.04 2.35
C LYS C 151 -25.51 16.13 1.32
N ALA C 152 -24.29 16.68 1.25
CA ALA C 152 -23.99 17.70 0.32
C ALA C 152 -22.50 17.66 0.00
N SER C 153 -22.09 18.04 -1.17
CA SER C 153 -20.68 18.21 -1.44
C SER C 153 -20.44 19.36 -2.41
N TYR C 154 -19.24 19.92 -2.38
CA TYR C 154 -18.85 20.98 -3.27
C TYR C 154 -17.42 20.65 -3.66
N ARG C 155 -17.18 20.59 -4.94
CA ARG C 155 -15.85 20.34 -5.44
C ARG C 155 -15.29 21.59 -6.08
N PHE C 156 -14.02 21.87 -5.82
CA PHE C 156 -13.31 22.95 -6.50
C PHE C 156 -12.75 22.49 -7.80
N ALA C 157 -12.65 23.40 -8.79
CA ALA C 157 -11.90 23.09 -10.00
C ALA C 157 -10.42 22.85 -9.66
N ASP C 158 -9.73 21.99 -10.37
CA ASP C 158 -8.34 21.72 -10.05
C ASP C 158 -7.42 22.74 -10.70
N ARG C 159 -6.57 23.38 -9.90
CA ARG C 159 -5.52 24.21 -10.44
C ARG C 159 -4.57 23.44 -11.38
N ASN C 160 -4.13 24.11 -12.45
CA ASN C 160 -3.10 23.61 -13.32
C ASN C 160 -2.19 24.78 -13.73
N ALA C 161 -1.06 24.41 -14.21
CA ALA C 161 -0.05 25.35 -14.69
C ALA C 161 -0.05 25.23 -16.24
N VAL C 162 -0.21 26.34 -16.88
CA VAL C 162 -0.33 26.38 -18.34
C VAL C 162 0.64 27.36 -19.03
N ASP C 163 0.87 27.09 -20.33
CA ASP C 163 1.65 28.02 -21.21
C ASP C 163 0.75 29.11 -21.75
N ALA C 164 1.33 29.95 -22.60
CA ALA C 164 0.62 31.13 -23.07
C ALA C 164 -0.63 30.80 -23.93
N MET C 165 -0.73 29.60 -24.44
CA MET C 165 -1.86 29.08 -25.19
C MET C 165 -2.80 28.20 -24.36
N GLY C 166 -2.59 28.14 -23.03
CA GLY C 166 -3.44 27.26 -22.20
C GLY C 166 -3.16 25.79 -22.16
N ASN C 167 -2.08 25.34 -22.78
CA ASN C 167 -1.71 23.93 -22.72
C ASN C 167 -1.11 23.67 -21.34
N VAL C 168 -1.47 22.56 -20.71
CA VAL C 168 -0.99 22.21 -19.38
C VAL C 168 0.47 21.83 -19.48
N VAL C 169 1.33 22.44 -18.67
CA VAL C 169 2.78 22.13 -18.76
C VAL C 169 3.34 22.04 -17.33
N THR C 170 4.64 21.80 -17.18
CA THR C 170 5.24 21.80 -15.85
C THR C 170 5.28 23.25 -15.34
N GLU C 171 5.36 23.41 -14.03
CA GLU C 171 5.38 24.72 -13.43
C GLU C 171 6.52 25.54 -13.91
N THR C 172 7.67 24.92 -14.23
CA THR C 172 8.82 25.72 -14.79
C THR C 172 8.55 26.23 -16.22
N ASN C 173 7.78 25.51 -17.01
CA ASN C 173 7.45 26.01 -18.36
C ASN C 173 6.19 26.87 -18.41
N ALA C 174 5.56 27.14 -17.24
CA ALA C 174 4.23 27.75 -17.27
C ALA C 174 4.28 29.23 -17.31
N ALA C 175 3.29 29.80 -18.03
CA ALA C 175 3.01 31.21 -18.01
C ALA C 175 2.17 31.65 -16.88
N LYS C 176 1.22 30.82 -16.39
CA LYS C 176 0.29 31.23 -15.41
C LYS C 176 -0.42 29.94 -14.83
N TYR C 177 -1.14 30.15 -13.73
CA TYR C 177 -2.08 29.08 -13.28
C TYR C 177 -3.42 29.27 -13.90
N SER C 178 -4.05 28.14 -14.22
CA SER C 178 -5.45 28.16 -14.62
C SER C 178 -6.13 27.02 -13.83
N ASP C 179 -7.26 26.57 -14.32
CA ASP C 179 -7.89 25.38 -13.70
C ASP C 179 -8.63 24.64 -14.80
N ASN C 180 -9.17 23.46 -14.44
CA ASN C 180 -9.73 22.54 -15.40
C ASN C 180 -11.25 22.71 -15.49
N GLY C 181 -11.82 23.69 -14.81
CA GLY C 181 -13.29 23.88 -14.85
C GLY C 181 -14.11 22.75 -14.22
N GLU C 182 -13.47 21.88 -13.44
CA GLU C 182 -14.19 20.71 -12.86
C GLU C 182 -14.74 20.99 -11.47
N ASP C 183 -15.33 22.17 -11.28
CA ASP C 183 -16.07 22.45 -10.08
C ASP C 183 -17.46 21.84 -10.16
N GLY C 184 -18.05 21.60 -9.03
CA GLY C 184 -19.42 21.04 -9.01
C GLY C 184 -19.96 20.89 -7.65
N TYR C 185 -21.21 20.41 -7.55
CA TYR C 185 -21.82 20.14 -6.29
C TYR C 185 -22.84 19.01 -6.37
N SER C 186 -23.13 18.47 -5.20
CA SER C 186 -24.17 17.48 -5.07
C SER C 186 -24.93 17.63 -3.78
N LEU C 187 -26.18 17.15 -3.78
CA LEU C 187 -27.03 17.26 -2.63
C LEU C 187 -27.98 16.11 -2.62
N SER C 188 -28.33 15.62 -1.45
CA SER C 188 -29.33 14.59 -1.29
C SER C 188 -30.02 14.59 0.04
N ALA C 189 -31.22 14.00 0.07
CA ALA C 189 -32.02 13.80 1.32
C ALA C 189 -32.75 12.50 1.29
N ILE C 190 -32.72 11.80 2.43
CA ILE C 190 -33.39 10.55 2.62
C ILE C 190 -34.31 10.71 3.88
N TYR C 191 -35.59 10.37 3.72
CA TYR C 191 -36.51 10.37 4.89
C TYR C 191 -36.87 8.94 5.18
N THR C 192 -36.56 8.49 6.41
CA THR C 192 -36.93 7.18 6.83
C THR C 192 -38.22 7.28 7.65
N PHE C 193 -39.24 6.51 7.26
CA PHE C 193 -40.58 6.71 7.90
C PHE C 193 -40.61 5.83 9.15
N GLY C 194 -39.76 6.22 10.11
CA GLY C 194 -39.58 5.43 11.37
C GLY C 194 -39.61 3.93 11.17
N ASP C 195 -40.45 3.16 11.92
CA ASP C 195 -40.58 1.73 11.83
C ASP C 195 -41.56 1.17 10.84
N THR C 196 -42.13 2.00 9.95
CA THR C 196 -43.07 1.54 8.97
C THR C 196 -42.52 0.62 7.88
N GLY C 197 -41.22 0.75 7.70
CA GLY C 197 -40.48 0.07 6.62
C GLY C 197 -40.25 0.92 5.38
N PHE C 198 -40.88 2.08 5.27
CA PHE C 198 -40.77 2.90 4.08
C PHE C 198 -39.64 3.90 4.17
N ASN C 199 -38.98 4.16 3.01
CA ASN C 199 -37.90 5.19 2.91
C ASN C 199 -38.09 5.87 1.58
N VAL C 200 -37.81 7.13 1.52
CA VAL C 200 -37.77 7.86 0.27
CA VAL C 200 -37.81 7.89 0.28
C VAL C 200 -36.49 8.68 0.20
N GLY C 201 -36.00 8.92 -1.02
CA GLY C 201 -34.78 9.66 -1.19
C GLY C 201 -34.74 10.41 -2.52
N ALA C 202 -33.99 11.51 -2.58
CA ALA C 202 -33.78 12.24 -3.84
C ALA C 202 -32.47 12.95 -3.74
N GLY C 203 -31.96 13.31 -4.88
CA GLY C 203 -30.77 14.12 -4.93
C GLY C 203 -30.51 14.72 -6.26
N TYR C 204 -29.50 15.58 -6.31
CA TYR C 204 -29.12 16.27 -7.49
C TYR C 204 -27.57 16.50 -7.50
N ALA C 205 -27.00 16.58 -8.71
CA ALA C 205 -25.65 16.97 -8.86
C ALA C 205 -25.41 17.63 -10.17
N ASP C 206 -24.33 18.41 -10.20
CA ASP C 206 -23.94 19.18 -11.34
C ASP C 206 -22.44 19.42 -11.33
N GLN C 207 -21.81 19.12 -12.43
CA GLN C 207 -20.34 19.30 -12.62
C GLN C 207 -20.04 19.52 -14.11
N ASP C 208 -19.56 20.72 -14.40
CA ASP C 208 -19.19 21.12 -15.80
C ASP C 208 -20.33 20.80 -16.78
N ASP C 209 -20.12 19.92 -17.75
CA ASP C 209 -21.15 19.62 -18.75
C ASP C 209 -22.05 18.45 -18.32
N GLN C 210 -22.04 18.07 -17.03
CA GLN C 210 -22.81 16.90 -16.58
C GLN C 210 -23.76 17.31 -15.44
N ASN C 211 -24.93 16.67 -15.39
CA ASN C 211 -25.88 16.92 -14.33
C ASN C 211 -26.84 15.77 -14.23
N GLU C 212 -27.41 15.59 -13.06
CA GLU C 212 -28.43 14.52 -12.88
C GLU C 212 -29.26 14.70 -11.65
N TYR C 213 -30.51 14.19 -11.66
CA TYR C 213 -31.24 14.00 -10.48
C TYR C 213 -31.59 12.52 -10.31
N MET C 214 -31.85 12.14 -9.08
CA MET C 214 -32.22 10.83 -8.71
C MET C 214 -33.46 10.89 -7.79
N LEU C 215 -34.32 9.93 -7.93
CA LEU C 215 -35.42 9.68 -7.02
C LEU C 215 -35.51 8.23 -6.63
N ALA C 216 -35.78 7.91 -5.36
CA ALA C 216 -35.84 6.57 -4.95
C ALA C 216 -36.86 6.28 -3.89
N ALA C 217 -37.29 5.06 -3.78
CA ALA C 217 -38.12 4.62 -2.65
C ALA C 217 -37.92 3.21 -2.31
N SER C 218 -38.12 2.83 -1.07
CA SER C 218 -38.02 1.43 -0.73
C SER C 218 -39.00 1.03 0.41
N TYR C 219 -39.20 -0.25 0.53
CA TYR C 219 -40.00 -0.87 1.64
C TYR C 219 -39.27 -2.05 2.15
N ARG C 220 -39.04 -2.07 3.46
CA ARG C 220 -38.42 -3.20 4.10
C ARG C 220 -39.26 -3.62 5.33
N MET C 221 -39.51 -4.91 5.41
CA MET C 221 -40.36 -5.48 6.50
C MET C 221 -40.14 -6.94 6.57
N GLU C 222 -39.74 -7.42 7.77
CA GLU C 222 -39.78 -8.84 8.12
C GLU C 222 -38.97 -9.61 7.08
N ASN C 223 -37.73 -9.30 6.98
CA ASN C 223 -36.92 -10.07 5.98
C ASN C 223 -37.17 -9.85 4.43
N LEU C 224 -38.09 -8.99 4.02
CA LEU C 224 -38.34 -8.69 2.66
C LEU C 224 -37.95 -7.24 2.41
N TYR C 225 -37.40 -6.98 1.21
CA TYR C 225 -37.02 -5.62 0.77
C TYR C 225 -37.35 -5.38 -0.71
N PHE C 226 -37.96 -4.25 -1.04
CA PHE C 226 -38.23 -3.89 -2.45
C PHE C 226 -37.82 -2.45 -2.58
N ALA C 227 -37.29 -2.07 -3.76
CA ALA C 227 -36.93 -0.68 -3.97
C ALA C 227 -36.98 -0.28 -5.40
N GLY C 228 -37.06 1.00 -5.69
CA GLY C 228 -36.89 1.50 -7.06
C GLY C 228 -36.10 2.79 -7.07
N LEU C 229 -35.43 3.04 -8.21
CA LEU C 229 -34.50 4.15 -8.40
C LEU C 229 -34.67 4.67 -9.81
N PHE C 230 -34.70 5.99 -9.99
CA PHE C 230 -34.79 6.67 -11.21
C PHE C 230 -33.70 7.74 -11.25
N THR C 231 -32.93 7.74 -12.34
CA THR C 231 -31.90 8.72 -12.59
C THR C 231 -32.11 9.38 -13.95
N ASP C 232 -31.96 10.69 -14.04
CA ASP C 232 -32.10 11.40 -15.31
C ASP C 232 -31.22 12.56 -15.37
N GLY C 233 -30.50 12.69 -16.49
CA GLY C 233 -29.61 13.82 -16.64
C GLY C 233 -28.87 13.91 -17.95
N GLU C 234 -27.66 14.40 -17.92
CA GLU C 234 -26.79 14.58 -19.09
C GLU C 234 -25.39 14.20 -18.69
N LEU C 235 -24.73 13.39 -19.54
CA LEU C 235 -23.36 13.04 -19.27
C LEU C 235 -22.40 13.83 -20.12
N ALA C 236 -22.90 14.56 -21.08
CA ALA C 236 -22.03 15.46 -21.83
C ALA C 236 -23.01 16.31 -22.57
N LYS C 237 -22.46 17.30 -23.27
CA LYS C 237 -23.22 18.08 -24.22
C LYS C 237 -23.74 17.11 -25.27
N ASP C 238 -25.05 17.11 -25.41
CA ASP C 238 -25.75 16.29 -26.39
C ASP C 238 -25.82 14.79 -26.08
N VAL C 239 -25.69 14.43 -24.78
CA VAL C 239 -25.69 13.03 -24.37
C VAL C 239 -26.61 12.94 -23.12
N ASP C 240 -27.91 12.73 -23.32
CA ASP C 240 -28.87 12.44 -22.29
C ASP C 240 -28.57 11.08 -21.67
N TYR C 241 -28.97 10.95 -20.39
CA TYR C 241 -28.88 9.68 -19.68
C TYR C 241 -30.12 9.51 -18.83
N THR C 242 -30.80 8.38 -18.96
CA THR C 242 -31.89 8.02 -18.10
C THR C 242 -31.69 6.56 -17.66
N GLY C 243 -31.81 6.34 -16.36
CA GLY C 243 -31.75 4.98 -15.87
C GLY C 243 -32.83 4.65 -14.84
N TYR C 244 -33.23 3.40 -14.83
N TYR C 244 -33.28 3.42 -14.80
CA TYR C 244 -34.25 2.77 -13.94
CA TYR C 244 -34.10 2.98 -13.68
C TYR C 244 -33.65 1.55 -13.26
C TYR C 244 -33.67 1.62 -13.26
N GLU C 245 -33.78 1.40 -11.96
CA GLU C 245 -33.47 0.16 -11.32
C GLU C 245 -34.65 -0.26 -10.40
N LEU C 246 -34.90 -1.57 -10.35
CA LEU C 246 -35.78 -2.18 -9.40
C LEU C 246 -34.99 -3.22 -8.66
N ALA C 247 -35.23 -3.39 -7.37
CA ALA C 247 -34.56 -4.34 -6.58
C ALA C 247 -35.50 -5.04 -5.62
N ALA C 248 -35.28 -6.33 -5.41
CA ALA C 248 -36.02 -7.10 -4.38
C ALA C 248 -35.07 -7.98 -3.65
N GLY C 249 -35.26 -8.13 -2.36
CA GLY C 249 -34.44 -8.95 -1.57
C GLY C 249 -35.18 -9.76 -0.51
N TYR C 250 -34.65 -10.91 -0.18
CA TYR C 250 -35.25 -11.74 0.87
C TYR C 250 -34.19 -12.35 1.73
N LYS C 251 -34.35 -12.26 3.07
CA LYS C 251 -33.43 -12.80 3.99
C LYS C 251 -34.03 -14.00 4.70
N LEU C 252 -33.35 -15.11 4.61
CA LEU C 252 -33.82 -16.35 5.27
C LEU C 252 -32.65 -16.95 6.04
N GLY C 253 -32.75 -16.88 7.37
CA GLY C 253 -31.68 -17.37 8.21
C GLY C 253 -30.44 -16.52 7.95
N GLN C 254 -29.37 -17.20 7.60
CA GLN C 254 -28.08 -16.55 7.30
C GLN C 254 -27.94 -16.25 5.81
N ALA C 255 -28.95 -16.56 5.02
CA ALA C 255 -28.87 -16.39 3.59
C ALA C 255 -29.62 -15.18 3.16
N ALA C 256 -29.12 -14.50 2.12
CA ALA C 256 -29.82 -13.38 1.50
C ALA C 256 -29.93 -13.61 0.01
N PHE C 257 -31.11 -13.40 -0.53
CA PHE C 257 -31.34 -13.58 -1.97
C PHE C 257 -31.74 -12.27 -2.55
N THR C 258 -31.16 -11.87 -3.71
CA THR C 258 -31.61 -10.68 -4.33
C THR C 258 -31.81 -10.79 -5.84
N ALA C 259 -32.62 -9.88 -6.38
CA ALA C 259 -32.84 -9.74 -7.85
C ALA C 259 -32.89 -8.30 -8.16
N THR C 260 -32.31 -7.87 -9.27
CA THR C 260 -32.43 -6.53 -9.79
C THR C 260 -32.69 -6.49 -11.30
N TYR C 261 -33.40 -5.46 -11.71
CA TYR C 261 -33.58 -5.10 -13.07
C TYR C 261 -32.99 -3.70 -13.18
N ASN C 262 -32.13 -3.53 -14.19
CA ASN C 262 -31.48 -2.27 -14.39
C ASN C 262 -31.54 -1.90 -15.89
N ASN C 263 -32.05 -0.73 -16.22
CA ASN C 263 -32.17 -0.34 -17.64
C ASN C 263 -31.68 1.07 -17.79
N ALA C 264 -30.66 1.32 -18.63
CA ALA C 264 -30.14 2.66 -18.87
C ALA C 264 -30.15 2.96 -20.36
N GLU C 265 -30.40 4.22 -20.68
CA GLU C 265 -30.34 4.70 -22.08
C GLU C 265 -29.36 5.87 -22.11
N THR C 266 -28.46 5.91 -23.07
CA THR C 266 -27.49 6.98 -23.16
C THR C 266 -27.65 7.50 -24.61
N ALA C 267 -27.93 8.79 -24.75
CA ALA C 267 -28.14 9.42 -26.09
C ALA C 267 -29.20 8.65 -26.85
N LYS C 268 -30.28 8.39 -26.12
CA LYS C 268 -31.52 7.72 -26.53
C LYS C 268 -31.32 6.30 -27.10
N LYS C 269 -30.20 5.66 -26.79
CA LYS C 269 -30.00 4.27 -27.16
C LYS C 269 -29.82 3.48 -25.83
N THR C 270 -30.42 2.30 -25.78
CA THR C 270 -30.23 1.43 -24.59
C THR C 270 -28.78 1.06 -24.44
N SER C 271 -28.19 1.33 -23.25
CA SER C 271 -26.78 1.06 -22.98
C SER C 271 -26.55 0.05 -21.86
N ALA C 272 -27.61 -0.24 -21.08
CA ALA C 272 -27.58 -1.30 -20.08
C ALA C 272 -29.00 -1.86 -20.01
N ASP C 273 -29.11 -3.19 -19.96
CA ASP C 273 -30.44 -3.87 -19.79
C ASP C 273 -30.16 -5.19 -19.19
N ASN C 274 -30.16 -5.23 -17.83
CA ASN C 274 -29.65 -6.32 -17.04
C ASN C 274 -30.71 -6.83 -16.07
N PHE C 275 -30.91 -8.13 -16.07
CA PHE C 275 -31.68 -8.77 -14.98
C PHE C 275 -30.73 -9.64 -14.26
N ALA C 276 -30.52 -9.48 -12.94
CA ALA C 276 -29.51 -10.30 -12.25
C ALA C 276 -30.10 -10.89 -10.96
N ILE C 277 -29.62 -12.04 -10.59
CA ILE C 277 -30.05 -12.71 -9.38
C ILE C 277 -28.89 -13.18 -8.59
N ASP C 278 -29.01 -13.27 -7.27
CA ASP C 278 -27.91 -13.82 -6.47
C ASP C 278 -28.35 -14.43 -5.15
N ALA C 279 -27.41 -15.14 -4.59
CA ALA C 279 -27.56 -15.82 -3.30
C ALA C 279 -26.27 -15.60 -2.54
N THR C 280 -26.39 -15.11 -1.29
CA THR C 280 -25.21 -14.84 -0.45
C THR C 280 -25.44 -15.57 0.90
N TYR C 281 -24.44 -16.26 1.36
CA TYR C 281 -24.55 -16.96 2.62
C TYR C 281 -23.57 -16.37 3.63
N TYR C 282 -24.10 -15.90 4.78
CA TYR C 282 -23.26 -15.31 5.82
C TYR C 282 -22.89 -16.39 6.88
N PHE C 283 -21.75 -17.00 6.73
CA PHE C 283 -21.28 -17.93 7.73
C PHE C 283 -21.13 -17.26 9.06
N LYS C 284 -20.52 -16.08 9.03
CA LYS C 284 -20.36 -15.20 10.18
C LYS C 284 -20.59 -13.82 9.66
N PRO C 285 -20.69 -12.86 10.54
CA PRO C 285 -20.97 -11.52 10.02
C PRO C 285 -19.90 -11.02 9.05
N ASN C 286 -18.69 -11.48 9.29
CA ASN C 286 -17.55 -11.16 8.41
C ASN C 286 -16.92 -12.24 7.48
N PHE C 287 -17.71 -13.28 7.27
CA PHE C 287 -17.33 -14.29 6.29
C PHE C 287 -18.51 -14.82 5.56
N ARG C 288 -18.51 -14.63 4.25
CA ARG C 288 -19.63 -14.98 3.41
C ARG C 288 -19.20 -15.55 2.03
N SER C 289 -20.12 -16.31 1.45
CA SER C 289 -19.99 -16.77 0.09
C SER C 289 -21.16 -16.27 -0.75
N TYR C 290 -20.96 -16.20 -2.06
CA TYR C 290 -22.06 -15.85 -2.92
C TYR C 290 -21.89 -16.39 -4.38
N ILE C 291 -23.03 -16.47 -5.00
CA ILE C 291 -23.13 -16.77 -6.40
C ILE C 291 -24.12 -15.88 -7.07
N SER C 292 -23.79 -15.39 -8.26
CA SER C 292 -24.63 -14.37 -8.92
C SER C 292 -24.62 -14.61 -10.46
N TYR C 293 -25.71 -14.27 -11.12
CA TYR C 293 -25.76 -14.31 -12.55
C TYR C 293 -26.44 -13.10 -13.07
N GLN C 294 -25.83 -12.45 -14.09
CA GLN C 294 -26.38 -11.40 -14.82
C GLN C 294 -26.83 -11.84 -16.20
N PHE C 295 -28.15 -11.81 -16.41
CA PHE C 295 -28.75 -11.99 -17.72
C PHE C 295 -28.70 -10.62 -18.43
N ASN C 296 -27.78 -10.54 -19.39
CA ASN C 296 -27.60 -9.30 -20.17
C ASN C 296 -28.53 -9.28 -21.36
N LEU C 297 -29.53 -8.44 -21.29
CA LEU C 297 -30.68 -8.55 -22.25
C LEU C 297 -30.33 -7.77 -23.51
N LEU C 298 -29.22 -7.05 -23.55
CA LEU C 298 -28.82 -6.38 -24.83
C LEU C 298 -28.62 -7.47 -25.88
N ASP C 299 -28.88 -7.12 -27.13
CA ASP C 299 -28.73 -8.15 -28.22
C ASP C 299 -28.15 -7.44 -29.41
N SER C 300 -27.99 -8.18 -30.55
CA SER C 300 -27.27 -7.67 -31.76
C SER C 300 -27.91 -6.50 -32.50
N ASP C 301 -29.21 -6.31 -32.31
CA ASP C 301 -29.91 -5.09 -32.77
C ASP C 301 -29.45 -3.77 -32.04
N LYS C 302 -28.80 -3.90 -30.87
CA LYS C 302 -28.45 -2.74 -30.08
C LYS C 302 -27.03 -2.71 -29.56
N ALA C 303 -26.29 -3.82 -29.64
CA ALA C 303 -25.02 -3.82 -28.99
C ALA C 303 -24.15 -4.96 -29.61
N SER C 304 -22.88 -4.87 -29.33
CA SER C 304 -21.93 -5.88 -29.83
C SER C 304 -22.13 -7.15 -29.03
N LYS C 305 -21.60 -8.24 -29.57
CA LYS C 305 -21.64 -9.53 -28.86
C LYS C 305 -21.00 -9.44 -27.49
N VAL C 306 -19.83 -8.83 -27.37
CA VAL C 306 -19.15 -8.77 -26.05
C VAL C 306 -20.01 -7.90 -25.06
N ALA C 307 -20.56 -6.85 -25.59
CA ALA C 307 -21.35 -5.94 -24.72
C ALA C 307 -22.65 -6.59 -24.31
N SER C 308 -23.04 -7.63 -24.99
CA SER C 308 -24.30 -8.35 -24.79
C SER C 308 -24.11 -9.60 -23.97
N GLU C 309 -22.89 -9.99 -23.55
CA GLU C 309 -22.68 -11.25 -22.87
C GLU C 309 -23.14 -11.28 -21.40
N ASP C 310 -23.71 -12.38 -21.02
CA ASP C 310 -24.05 -12.64 -19.61
C ASP C 310 -22.81 -12.83 -18.73
N GLU C 311 -23.00 -12.87 -17.42
CA GLU C 311 -21.85 -13.14 -16.50
C GLU C 311 -22.32 -13.93 -15.32
N LEU C 312 -21.58 -15.00 -15.01
CA LEU C 312 -21.64 -15.70 -13.76
C LEU C 312 -20.51 -15.19 -12.81
N ALA C 313 -20.80 -14.99 -11.54
CA ALA C 313 -19.76 -14.67 -10.57
C ALA C 313 -19.88 -15.53 -9.34
N ILE C 314 -18.76 -15.99 -8.79
CA ILE C 314 -18.74 -16.75 -7.58
C ILE C 314 -17.77 -16.04 -6.65
N GLY C 315 -18.19 -15.81 -5.41
CA GLY C 315 -17.34 -15.09 -4.48
C GLY C 315 -17.20 -15.74 -3.11
N LEU C 316 -16.07 -15.39 -2.49
CA LEU C 316 -15.84 -15.67 -1.06
C LEU C 316 -15.26 -14.41 -0.45
N ARG C 317 -15.91 -13.87 0.56
CA ARG C 317 -15.51 -12.57 1.09
C ARG C 317 -15.26 -12.64 2.58
N TYR C 318 -14.05 -12.27 2.98
CA TYR C 318 -13.65 -12.11 4.39
C TYR C 318 -13.51 -10.63 4.68
N ASP C 319 -14.23 -10.13 5.69
CA ASP C 319 -14.12 -8.73 6.16
C ASP C 319 -13.26 -8.60 7.40
N PHE C 320 -12.25 -7.70 7.31
CA PHE C 320 -11.33 -7.50 8.42
C PHE C 320 -12.07 -6.70 9.49
C2 C8E D . -12.53 25.92 2.47
C3 C8E D . -12.13 24.82 3.47
C4 C8E D . -11.00 23.86 3.14
C5 C8E D . -10.62 22.85 4.21
C6 C8E D . -9.39 22.06 3.93
C7 C8E D . -9.05 21.21 5.09
C2 C8E E . 28.66 23.31 22.27
C3 C8E E . 29.70 22.87 23.32
C4 C8E E . 29.07 22.72 24.71
C5 C8E E . 30.00 22.40 25.86
C6 C8E E . 29.20 22.34 27.14
C7 C8E E . 30.05 22.51 28.40
C8 C8E E . 29.32 22.18 29.69
O9 C8E E . 30.23 22.15 30.78
C10 C8E E . 29.60 22.28 32.05
C11 C8E E . 30.61 22.19 33.19
O12 C8E E . 29.97 21.49 34.29
C13 C8E E . 28.94 22.22 34.94
C1 C8E F . 23.90 26.17 31.84
C2 C8E F . 24.12 27.49 31.19
C3 C8E F . 24.25 27.43 29.71
C4 C8E F . 24.30 28.65 28.83
C5 C8E F . 25.31 28.58 27.71
C6 C8E F . 25.17 29.75 26.75
C7 C8E F . 26.11 29.57 25.60
C8 C8E F . 26.44 30.78 24.76
O9 C8E F . 27.71 30.65 24.01
C10 C8E F . 27.51 29.82 22.85
C11 C8E F . 28.73 29.50 22.03
C2 C8E G . -6.52 29.46 15.65
C3 C8E G . -7.23 28.66 14.58
C4 C8E G . -6.53 27.97 13.39
C5 C8E G . -7.39 27.89 12.10
C6 C8E G . -8.16 26.66 11.66
C13 C8E H . 30.19 22.11 10.75
C14 C8E H . 31.53 21.39 10.62
O15 C8E H . 31.82 21.05 9.25
C16 C8E H . 32.33 22.03 8.36
C17 C8E H . 33.18 21.40 7.25
O18 C8E H . 33.05 22.16 6.04
C19 C8E H . 34.22 22.86 5.65
C20 C8E H . 33.91 23.84 4.51
O21 C8E H . 35.13 24.20 3.84
C1 C8E I . 21.35 33.42 10.18
C2 C8E I . 21.04 32.73 11.52
C3 C8E I . 22.01 31.60 11.87
C4 C8E I . 22.16 31.29 13.37
C5 C8E I . 23.27 30.29 13.52
C6 C8E I . 23.78 30.10 14.96
C7 C8E I . 25.19 29.48 15.06
C8 C8E I . 25.59 28.79 16.39
O9 C8E I . 25.95 27.41 16.09
C10 C8E I . 26.77 26.66 16.99
C5 C8E J . 22.09 30.53 33.26
C6 C8E J . 21.28 30.94 32.05
C7 C8E J . 22.00 31.35 30.75
C8 C8E J . 20.99 31.47 29.59
O9 C8E J . 21.58 31.90 28.35
C10 C8E J . 20.71 32.02 27.19
C11 C8E J . 21.43 32.50 25.95
O12 C8E J . 20.62 32.75 24.82
C1 C8E K . 21.62 -4.47 8.79
C2 C8E K . 21.84 -5.15 7.47
C3 C8E K . 22.97 -4.50 6.70
C4 C8E K . 24.10 -4.05 7.59
C5 C8E K . 25.35 -3.82 6.81
C6 C8E K . 26.45 -3.39 7.75
C7 C8E K . 27.77 -3.25 7.04
C8 C8E K . 28.92 -3.10 8.04
C1 C8E L . -0.63 -18.43 6.87
C2 C8E L . -1.00 -17.18 6.10
C3 C8E L . -0.64 -17.29 4.63
C4 C8E L . 0.81 -17.03 4.31
C5 C8E L . 1.09 -17.55 2.93
C8 C8E M . 15.49 -20.66 18.67
O9 C8E M . 15.91 -20.18 17.38
C10 C8E M . 14.97 -20.31 16.30
C11 C8E M . 15.72 -20.82 15.07
O12 C8E M . 14.89 -21.32 14.00
C13 C8E M . 15.54 -22.24 13.09
C14 C8E M . 14.98 -23.65 13.13
O15 C8E M . 13.67 -23.81 13.68
C16 C8E M . 13.32 -25.09 14.23
C2 C8E N . 24.86 -29.30 1.85
C3 C8E N . 26.29 -29.04 1.39
C4 C8E N . 26.72 -29.85 0.18
C5 C8E N . 28.09 -29.35 -0.31
C6 C8E N . 28.56 -30.06 -1.60
C7 C8E N . 29.58 -29.26 -2.39
C8 C8E N . 29.62 -29.75 -3.85
O9 C8E N . 30.53 -29.00 -4.70
C10 C8E N . 30.56 -29.58 -6.01
C1 C8E O . 30.54 -34.01 -1.52
C2 C8E O . 30.20 -34.53 -2.91
C3 C8E O . 30.05 -33.43 -3.96
C4 C8E O . 29.55 -33.90 -5.34
C5 C8E O . 29.54 -32.77 -6.38
C6 C8E O . 29.27 -33.27 -7.80
C7 C8E O . 29.42 -32.19 -8.90
C8 C8E O . 28.94 -32.67 -10.28
O9 C8E O . 28.88 -31.65 -11.29
C10 C8E O . 28.63 -32.13 -12.64
C11 C8E O . 29.16 -31.16 -13.69
C7 C8E P . 32.13 -26.61 -11.67
C8 C8E P . 31.31 -27.76 -11.10
O9 C8E P . 31.43 -27.58 -9.70
C10 C8E P . 30.89 -28.62 -8.89
C13 C8E Q . 26.89 -16.42 16.52
C14 C8E Q . 26.82 -16.22 15.01
O15 C8E Q . 25.87 -15.19 14.68
C16 C8E Q . 25.64 -15.06 13.27
C17 C8E Q . 24.89 -13.77 12.84
O18 C8E Q . 25.82 -12.87 12.22
C19 C8E Q . 25.36 -11.56 11.86
C20 C8E Q . 26.60 -10.66 11.81
O21 C8E Q . 26.34 -9.52 10.99
C1 C8E R . -27.42 -12.73 8.88
C2 C8E R . -26.73 -11.48 8.40
C3 C8E R . -26.92 -11.03 6.94
C4 C8E R . -26.98 -9.52 6.75
C5 C8E R . -27.33 -8.91 5.37
C6 C8E R . -28.76 -8.46 5.12
C7 C8E R . -29.26 -7.21 5.87
C8 C8E R . -30.44 -7.22 6.87
C3 C8E S . -34.35 -6.56 5.46
C4 C8E S . -34.57 -7.59 4.34
C5 C8E S . -33.32 -7.70 3.50
C6 C8E S . -33.35 -8.52 2.22
C7 C8E S . -31.90 -8.86 1.80
C8 C8E S . -31.13 -7.69 1.20
O9 C8E S . -29.74 -8.07 0.91
C1 C8E T . -18.81 20.61 13.50
C2 C8E T . -19.39 19.96 12.28
C3 C8E T . -20.47 20.85 11.74
C4 C8E T . -21.02 20.51 10.38
C5 C8E T . -21.05 21.76 9.51
C1 C8E U . -14.55 -17.70 -4.76
C2 C8E U . -14.40 -18.23 -6.09
C3 C8E U . -14.48 -19.72 -5.97
C4 C8E U . -14.54 -20.36 -7.34
C5 C8E U . -15.08 -21.78 -7.32
C6 C8E U . -14.67 -22.56 -8.56
C7 C8E U . -15.70 -23.32 -9.39
C8 C8E U . -15.78 -22.77 -10.83
O9 C8E U . -15.72 -23.74 -11.88
C10 C8E U . -15.95 -23.17 -13.19
C11 C8E U . -15.65 -24.08 -14.41
O12 C8E U . -15.68 -23.32 -15.64
C13 C8E U . -15.80 -24.15 -16.80
C14 C8E U . -15.71 -23.33 -18.09
C1 C8E V . -34.98 16.99 -1.54
C2 C8E V . -35.01 18.06 -2.60
C3 C8E V . -35.47 17.54 -3.97
C4 C8E V . -35.56 18.70 -4.97
C5 C8E V . -36.00 18.32 -6.38
C6 C8E V . -35.89 19.57 -7.24
C7 C8E V . -35.78 19.35 -8.75
C8 C8E V . -35.61 20.65 -9.57
O9 C8E V . -35.49 20.48 -10.99
C10 C8E V . -34.94 21.61 -11.66
C1 C8E W . -37.12 13.87 1.75
C2 C8E W . -36.60 13.46 0.40
C3 C8E W . -37.69 13.23 -0.64
C4 C8E W . -37.93 14.40 -1.60
C5 C8E W . -38.84 14.04 -2.77
C6 C8E W . -38.47 14.90 -3.99
C7 C8E W . -39.46 14.84 -5.15
C1 C8E X . -36.60 -6.71 -8.89
C2 C8E X . -36.79 -7.58 -10.09
C3 C8E X . -37.98 -7.05 -10.92
C4 C8E X . -37.99 -7.70 -12.31
C5 C8E X . -38.64 -6.90 -13.46
C6 C8E X . -38.16 -7.48 -14.81
C7 C8E X . -38.38 -6.67 -16.11
C8 C8E X . -37.84 -7.37 -17.39
O9 C8E X . -36.99 -8.50 -17.05
C10 C8E X . -36.86 -9.65 -17.92
C11 C8E X . -37.06 -10.91 -17.08
C1 C8E Y . -40.19 -11.84 -2.89
C2 C8E Y . -39.09 -11.25 -3.75
C3 C8E Y . -37.66 -11.60 -3.37
C4 C8E Y . -36.97 -12.44 -4.42
C5 C8E Y . -35.47 -12.18 -4.63
C6 C8E Y . -34.64 -13.47 -4.86
C7 C8E Y . -34.14 -13.92 -6.26
C8 C8E Y . -33.96 -15.45 -6.41
O9 C8E Y . -32.61 -15.96 -6.37
C10 C8E Y . -32.45 -17.40 -6.23
C8 C8E Z . -29.04 -21.78 4.11
O9 C8E Z . -28.67 -22.60 2.98
C10 C8E Z . -27.74 -22.01 2.00
C11 C8E Z . -28.25 -20.88 1.06
O12 C8E Z . -27.50 -20.69 -0.16
C13 C8E Z . -26.42 -19.74 -0.29
C14 C8E Z . -25.21 -20.25 -1.06
O15 C8E Z . -24.40 -19.15 -1.54
C16 C8E Z . -23.01 -19.36 -1.86
C17 C8E Z . -22.70 -20.13 -3.10
O18 C8E Z . -21.29 -20.02 -3.46
C19 C8E Z . -20.41 -20.82 -2.68
C20 C8E Z . -18.97 -20.61 -3.05
O21 C8E Z . -18.13 -21.40 -2.16
#